data_1XM6
#
_entry.id   1XM6
#
_cell.length_a   89.221
_cell.length_b   94.062
_cell.length_c   105.236
_cell.angle_alpha   90.00
_cell.angle_beta   90.00
_cell.angle_gamma   90.00
#
_symmetry.space_group_name_H-M   'P 21 21 21'
#
loop_
_entity.id
_entity.type
_entity.pdbx_description
1 polymer "cAMP-specific 3',5'-cyclic phosphodiesterase 4B"
2 non-polymer 'ZINC ION'
3 non-polymer 'MAGNESIUM ION'
4 non-polymer (5R)-5-(4-methoxy-3-propoxyphenyl)-5-methyl-1,3-oxazolidin-2-one
5 water water
#
_entity_poly.entity_id   1
_entity_poly.type   'polypeptide(L)'
_entity_poly.pdbx_seq_one_letter_code
;MGSSHHHHHHSSGLVPRGSHMSISRFGVNTENEDHLAKELEDLNKWGLNIFNVAGYSHNRPLT(CME)IMYAIFQERDLL
KTFRISSDTFITYMMTLEDHYHSDVAYHNSLHAADVAQSTHVLLSTPALDAVFTDLEILAAIFAAAIHDVDHPGVSNQFL
INTNSELALMYNDESVLENHHLAVGFKLLQEEH(CME)DIFMNLTKKQRQTLRKMVIDMVLATDMSKHMSLLADLKTMVE
TKKVTSSGVLLLDNYTDRIQVLRNMVHCADLSNPTKSLELYRQWTDRIMEEFFQQGDKERERGMEISPM(CME)DKHTAS
VEKSQVGFIDYIVHPLWETWADLVQPDAQDILDTLEDNRNWYQSMIPQSPSPPLDEQNRDCQGLMEKFQFELTLDEEDSE
GPEKEGEGHS
;
_entity_poly.pdbx_strand_id   A,B
#
# COMPACT_ATOMS: atom_id res chain seq x y z
N GLU A 33 -16.32 37.92 -9.61
CA GLU A 33 -17.00 39.24 -9.79
C GLU A 33 -16.75 40.12 -8.56
N ASP A 34 -17.65 41.07 -8.31
CA ASP A 34 -17.58 41.94 -7.14
C ASP A 34 -17.64 41.16 -5.82
N HIS A 35 -18.60 40.24 -5.71
CA HIS A 35 -18.78 39.48 -4.49
C HIS A 35 -17.63 38.49 -4.29
N LEU A 36 -17.12 37.93 -5.38
CA LEU A 36 -16.04 36.98 -5.32
C LEU A 36 -14.78 37.64 -4.77
N ALA A 37 -14.43 38.81 -5.31
CA ALA A 37 -13.26 39.56 -4.87
C ALA A 37 -13.40 39.96 -3.41
N LYS A 38 -14.64 40.23 -2.96
CA LYS A 38 -14.88 40.60 -1.57
C LYS A 38 -14.61 39.41 -0.64
N GLU A 39 -15.08 38.23 -1.03
CA GLU A 39 -14.86 37.03 -0.24
C GLU A 39 -13.38 36.61 -0.25
N LEU A 40 -12.71 36.80 -1.38
CA LEU A 40 -11.30 36.43 -1.49
C LEU A 40 -10.37 37.36 -0.69
N GLU A 41 -10.90 38.45 -0.13
CA GLU A 41 -10.13 39.31 0.76
C GLU A 41 -9.73 38.53 2.02
N ASP A 42 -10.52 37.50 2.37
CA ASP A 42 -10.24 36.62 3.50
C ASP A 42 -9.44 35.36 3.09
N LEU A 43 -8.70 35.41 1.98
CA LEU A 43 -7.97 34.24 1.49
C LEU A 43 -7.01 33.64 2.55
N ASN A 44 -6.34 34.50 3.29
CA ASN A 44 -5.35 34.10 4.28
C ASN A 44 -5.93 33.89 5.66
N LYS A 45 -7.26 33.83 5.76
CA LYS A 45 -7.94 33.71 7.05
C LYS A 45 -8.78 32.45 7.13
N TRP A 46 -8.94 31.99 8.37
CA TRP A 46 -9.72 30.81 8.72
C TRP A 46 -11.20 31.03 8.47
N GLY A 47 -11.63 32.28 8.55
CA GLY A 47 -13.03 32.66 8.34
C GLY A 47 -13.46 32.80 6.88
N LEU A 48 -12.58 32.47 5.93
CA LEU A 48 -12.98 32.48 4.53
C LEU A 48 -14.18 31.57 4.36
N ASN A 49 -15.11 31.97 3.50
CA ASN A 49 -16.33 31.20 3.26
C ASN A 49 -16.28 30.57 1.87
N ILE A 50 -15.86 29.31 1.81
CA ILE A 50 -15.71 28.62 0.53
C ILE A 50 -17.05 28.37 -0.19
N PHE A 51 -18.17 28.30 0.54
CA PHE A 51 -19.48 28.12 -0.09
C PHE A 51 -19.75 29.36 -0.98
N ASN A 52 -19.42 30.54 -0.46
CA ASN A 52 -19.61 31.79 -1.19
C ASN A 52 -18.74 31.81 -2.45
N VAL A 53 -17.49 31.34 -2.31
CA VAL A 53 -16.56 31.32 -3.45
C VAL A 53 -17.12 30.45 -4.55
N ALA A 54 -17.61 29.26 -4.16
CA ALA A 54 -18.22 28.34 -5.11
C ALA A 54 -19.37 29.00 -5.89
N GLY A 55 -20.23 29.73 -5.17
CA GLY A 55 -21.39 30.38 -5.76
C GLY A 55 -21.06 31.41 -6.81
N TYR A 56 -19.91 32.05 -6.67
CA TYR A 56 -19.49 33.11 -7.60
C TYR A 56 -18.42 32.68 -8.62
N SER A 57 -18.11 31.39 -8.71
CA SER A 57 -17.09 30.90 -9.65
C SER A 57 -17.60 29.71 -10.49
N HIS A 58 -18.92 29.68 -10.73
CA HIS A 58 -19.55 28.69 -11.59
C HIS A 58 -19.25 27.29 -11.16
N ASN A 59 -19.37 27.08 -9.85
CA ASN A 59 -19.10 25.82 -9.20
C ASN A 59 -17.72 25.21 -9.47
N ARG A 60 -16.73 26.08 -9.58
CA ARG A 60 -15.32 25.69 -9.69
C ARG A 60 -14.52 26.30 -8.53
N PRO A 61 -14.90 26.00 -7.29
CA PRO A 61 -14.20 26.55 -6.12
C PRO A 61 -12.76 26.10 -6.02
N LEU A 62 -12.46 24.88 -6.46
CA LEU A 62 -11.11 24.35 -6.34
C LEU A 62 -10.19 25.08 -7.30
N THR A 63 -10.62 25.18 -8.55
CA THR A 63 -9.85 25.91 -9.55
C THR A 63 -9.56 27.33 -9.05
N ILE A 65 -9.89 28.84 -5.92
CA ILE A 65 -9.06 28.96 -4.71
C ILE A 65 -7.61 28.56 -4.93
N MET A 66 -7.35 27.59 -5.79
CA MET A 66 -5.98 27.16 -6.02
C MET A 66 -5.23 28.23 -6.81
N TYR A 67 -5.92 28.89 -7.73
CA TYR A 67 -5.31 29.96 -8.51
C TYR A 67 -5.05 31.16 -7.57
N ALA A 68 -5.98 31.45 -6.67
CA ALA A 68 -5.81 32.55 -5.72
C ALA A 68 -4.63 32.24 -4.76
N ILE A 69 -4.56 31.01 -4.29
CA ILE A 69 -3.49 30.60 -3.39
C ILE A 69 -2.12 30.65 -4.07
N PHE A 70 -2.03 30.08 -5.27
CA PHE A 70 -0.75 30.05 -5.98
C PHE A 70 -0.26 31.45 -6.32
N GLN A 71 -1.18 32.34 -6.67
CA GLN A 71 -0.85 33.74 -6.96
C GLN A 71 -0.37 34.46 -5.68
N GLU A 72 -1.08 34.22 -4.59
CA GLU A 72 -0.75 34.85 -3.31
C GLU A 72 0.67 34.44 -2.86
N ARG A 73 1.05 33.18 -3.05
CA ARG A 73 2.35 32.70 -2.60
C ARG A 73 3.45 32.77 -3.66
N ASP A 74 3.12 33.30 -4.83
CA ASP A 74 4.06 33.43 -5.94
C ASP A 74 4.60 32.12 -6.48
N LEU A 75 3.83 31.04 -6.32
CA LEU A 75 4.26 29.71 -6.73
C LEU A 75 4.38 29.51 -8.24
N LEU A 76 3.55 30.18 -9.03
CA LEU A 76 3.64 30.07 -10.48
C LEU A 76 5.00 30.62 -10.96
N LYS A 77 5.42 31.75 -10.40
CA LYS A 77 6.69 32.37 -10.71
C LYS A 77 7.85 31.48 -10.23
N THR A 78 7.82 31.13 -8.95
CA THR A 78 8.87 30.33 -8.33
C THR A 78 9.16 29.03 -9.09
N PHE A 79 8.11 28.34 -9.50
CA PHE A 79 8.27 27.05 -10.15
C PHE A 79 8.00 27.06 -11.66
N ARG A 80 8.09 28.24 -12.28
CA ARG A 80 7.87 28.43 -13.71
C ARG A 80 6.71 27.60 -14.25
N ILE A 81 5.58 27.73 -13.57
CA ILE A 81 4.35 27.06 -13.96
C ILE A 81 3.49 28.02 -14.78
N SER A 82 3.23 27.68 -16.04
CA SER A 82 2.41 28.55 -16.87
C SER A 82 0.98 28.59 -16.35
N SER A 83 0.34 29.76 -16.44
CA SER A 83 -1.02 29.93 -15.95
C SER A 83 -2.02 29.05 -16.67
N ASP A 84 -1.90 28.98 -18.00
CA ASP A 84 -2.77 28.17 -18.84
C ASP A 84 -2.67 26.72 -18.42
N THR A 85 -1.46 26.21 -18.31
CA THR A 85 -1.22 24.82 -17.88
C THR A 85 -1.81 24.53 -16.51
N PHE A 86 -1.65 25.49 -15.59
CA PHE A 86 -2.13 25.32 -14.23
C PHE A 86 -3.65 25.26 -14.21
N ILE A 87 -4.30 26.14 -14.97
CA ILE A 87 -5.76 26.20 -15.00
C ILE A 87 -6.33 24.94 -15.65
N THR A 88 -5.70 24.49 -16.72
CA THR A 88 -6.14 23.27 -17.39
C THR A 88 -6.06 22.09 -16.42
N TYR A 89 -4.92 21.96 -15.73
CA TYR A 89 -4.77 20.88 -14.77
C TYR A 89 -5.82 20.96 -13.69
N MET A 90 -5.98 22.15 -13.09
CA MET A 90 -6.91 22.31 -11.97
C MET A 90 -8.38 22.09 -12.38
N MET A 91 -8.75 22.55 -13.57
CA MET A 91 -10.13 22.37 -14.06
C MET A 91 -10.41 20.89 -14.31
N THR A 92 -9.43 20.18 -14.86
CA THR A 92 -9.58 18.74 -15.13
C THR A 92 -9.70 18.00 -13.79
N LEU A 93 -8.84 18.35 -12.84
CA LEU A 93 -8.83 17.75 -11.50
C LEU A 93 -10.18 17.97 -10.85
N GLU A 94 -10.63 19.22 -10.89
CA GLU A 94 -11.92 19.59 -10.32
C GLU A 94 -13.06 18.79 -10.90
N ASP A 95 -13.02 18.60 -12.21
CA ASP A 95 -14.07 17.88 -12.92
C ASP A 95 -14.08 16.41 -12.57
N HIS A 96 -12.97 15.92 -11.98
CA HIS A 96 -12.83 14.53 -11.56
C HIS A 96 -13.37 14.30 -10.16
N TYR A 97 -13.74 15.37 -9.45
CA TYR A 97 -14.53 15.23 -8.20
C TYR A 97 -15.97 15.06 -8.71
N HIS A 98 -16.79 14.32 -7.99
CA HIS A 98 -18.17 14.04 -8.40
C HIS A 98 -19.10 15.09 -7.80
N SER A 99 -19.81 15.82 -8.64
CA SER A 99 -20.71 16.87 -8.18
C SER A 99 -21.97 16.31 -7.47
N ASP A 100 -22.33 15.06 -7.75
CA ASP A 100 -23.48 14.41 -7.11
C ASP A 100 -23.16 13.68 -5.78
N VAL A 101 -21.95 13.84 -5.27
CA VAL A 101 -21.54 13.31 -3.98
C VAL A 101 -21.70 14.49 -3.03
N ALA A 102 -22.42 14.30 -1.94
CA ALA A 102 -22.81 15.43 -1.08
C ALA A 102 -21.69 16.12 -0.34
N TYR A 103 -20.72 15.35 0.16
CA TYR A 103 -19.65 15.94 0.92
C TYR A 103 -18.33 15.92 0.16
N HIS A 104 -17.91 14.75 -0.30
CA HIS A 104 -16.60 14.59 -0.95
C HIS A 104 -16.56 15.06 -2.43
N ASN A 105 -17.01 16.29 -2.64
CA ASN A 105 -17.01 16.91 -3.96
C ASN A 105 -15.89 17.95 -3.95
N SER A 106 -15.76 18.73 -5.04
CA SER A 106 -14.67 19.70 -5.15
C SER A 106 -14.68 20.84 -4.11
N LEU A 107 -15.83 21.11 -3.51
CA LEU A 107 -15.93 22.13 -2.47
C LEU A 107 -15.14 21.68 -1.22
N HIS A 108 -15.17 20.39 -0.87
CA HIS A 108 -14.37 19.87 0.23
C HIS A 108 -12.87 19.99 -0.08
N ALA A 109 -12.47 19.68 -1.31
CA ALA A 109 -11.06 19.79 -1.70
C ALA A 109 -10.59 21.25 -1.61
N ALA A 110 -11.42 22.16 -2.09
CA ALA A 110 -11.12 23.58 -2.03
C ALA A 110 -10.94 24.07 -0.59
N ASP A 111 -11.80 23.59 0.31
CA ASP A 111 -11.75 23.89 1.73
C ASP A 111 -10.46 23.38 2.36
N VAL A 112 -10.09 22.13 2.08
CA VAL A 112 -8.88 21.56 2.63
C VAL A 112 -7.65 22.33 2.08
N ALA A 113 -7.66 22.67 0.80
CA ALA A 113 -6.55 23.42 0.22
C ALA A 113 -6.43 24.80 0.87
N GLN A 114 -7.54 25.50 1.11
CA GLN A 114 -7.48 26.84 1.68
C GLN A 114 -7.10 26.79 3.17
N SER A 115 -7.59 25.78 3.86
CA SER A 115 -7.25 25.60 5.26
C SER A 115 -5.77 25.28 5.40
N THR A 116 -5.24 24.47 4.50
CA THR A 116 -3.83 24.11 4.50
C THR A 116 -3.00 25.37 4.25
N HIS A 117 -3.44 26.15 3.28
CA HIS A 117 -2.81 27.43 2.98
C HIS A 117 -2.76 28.34 4.23
N VAL A 118 -3.82 28.37 5.04
CA VAL A 118 -3.77 29.19 6.25
C VAL A 118 -2.82 28.55 7.29
N LEU A 119 -2.83 27.22 7.42
CA LEU A 119 -1.95 26.54 8.39
C LEU A 119 -0.46 26.68 8.12
N LEU A 120 -0.10 26.76 6.84
CA LEU A 120 1.30 26.90 6.45
C LEU A 120 1.88 28.24 6.89
N SER A 121 1.01 29.21 7.16
CA SER A 121 1.43 30.54 7.56
C SER A 121 1.34 30.80 9.06
N THR A 122 1.06 29.76 9.87
CA THR A 122 1.00 29.98 11.34
C THR A 122 2.39 30.46 11.77
N PRO A 123 2.45 31.49 12.62
CA PRO A 123 3.73 32.06 13.05
C PRO A 123 4.77 31.06 13.55
N ALA A 124 4.34 30.01 14.26
CA ALA A 124 5.27 29.01 14.79
C ALA A 124 6.05 28.25 13.69
N LEU A 125 5.57 28.29 12.45
CA LEU A 125 6.21 27.59 11.34
C LEU A 125 6.88 28.52 10.33
N ASP A 126 7.02 29.79 10.66
CA ASP A 126 7.64 30.76 9.77
C ASP A 126 9.02 30.31 9.30
N ALA A 127 9.20 30.26 7.98
CA ALA A 127 10.49 29.94 7.34
C ALA A 127 10.99 28.52 7.56
N VAL A 128 10.13 27.65 8.09
CA VAL A 128 10.50 26.27 8.37
C VAL A 128 10.48 25.38 7.12
N PHE A 129 9.56 25.67 6.21
CA PHE A 129 9.36 24.85 5.02
C PHE A 129 9.91 25.50 3.77
N THR A 130 10.41 24.66 2.87
CA THR A 130 10.91 25.13 1.59
C THR A 130 9.70 25.42 0.70
N ASP A 131 9.94 26.13 -0.41
CA ASP A 131 8.89 26.41 -1.38
C ASP A 131 8.33 25.10 -1.93
N LEU A 132 9.19 24.10 -2.14
CA LEU A 132 8.76 22.80 -2.63
C LEU A 132 7.80 22.10 -1.65
N GLU A 133 8.07 22.21 -0.36
CA GLU A 133 7.24 21.61 0.67
C GLU A 133 5.89 22.31 0.76
N ILE A 134 5.88 23.63 0.58
CA ILE A 134 4.64 24.39 0.59
C ILE A 134 3.83 23.97 -0.61
N LEU A 135 4.50 23.83 -1.75
CA LEU A 135 3.83 23.45 -2.99
C LEU A 135 3.23 22.05 -2.85
N ALA A 136 3.99 21.13 -2.27
CA ALA A 136 3.55 19.76 -2.08
C ALA A 136 2.33 19.66 -1.19
N ALA A 137 2.30 20.39 -0.09
CA ALA A 137 1.16 20.32 0.83
C ALA A 137 -0.15 20.83 0.23
N ILE A 138 -0.08 21.96 -0.47
CA ILE A 138 -1.28 22.55 -1.06
C ILE A 138 -1.78 21.67 -2.21
N PHE A 139 -0.83 21.15 -3.01
CA PHE A 139 -1.17 20.26 -4.11
C PHE A 139 -1.84 19.02 -3.52
N ALA A 140 -1.23 18.45 -2.48
CA ALA A 140 -1.81 17.26 -1.82
C ALA A 140 -3.24 17.50 -1.39
N ALA A 141 -3.45 18.64 -0.76
CA ALA A 141 -4.77 19.04 -0.30
C ALA A 141 -5.78 19.08 -1.47
N ALA A 142 -5.39 19.69 -2.60
CA ALA A 142 -6.25 19.78 -3.77
C ALA A 142 -6.67 18.40 -4.34
N ILE A 143 -5.74 17.46 -4.41
CA ILE A 143 -6.02 16.17 -5.02
C ILE A 143 -6.48 15.12 -4.05
N HIS A 144 -6.48 15.43 -2.75
CA HIS A 144 -6.58 14.38 -1.75
C HIS A 144 -7.84 13.49 -1.70
N ASP A 145 -8.96 13.93 -2.27
CA ASP A 145 -10.19 13.13 -2.37
C ASP A 145 -10.71 13.01 -3.80
N VAL A 146 -9.86 13.24 -4.81
CA VAL A 146 -10.34 13.25 -6.18
C VAL A 146 -10.94 11.92 -6.61
N ASP A 147 -12.05 12.00 -7.33
CA ASP A 147 -12.82 10.83 -7.80
C ASP A 147 -13.38 9.99 -6.63
N HIS A 148 -13.67 10.64 -5.50
CA HIS A 148 -14.29 9.95 -4.36
C HIS A 148 -15.74 9.59 -4.73
N PRO A 149 -16.14 8.33 -4.53
CA PRO A 149 -17.47 7.89 -4.92
C PRO A 149 -18.60 8.10 -3.89
N GLY A 150 -18.29 8.68 -2.73
CA GLY A 150 -19.29 8.92 -1.69
C GLY A 150 -19.57 7.75 -0.77
N VAL A 151 -18.70 6.75 -0.80
CA VAL A 151 -18.84 5.59 0.10
C VAL A 151 -17.46 5.35 0.68
N SER A 152 -17.41 4.73 1.85
CA SER A 152 -16.16 4.53 2.56
C SER A 152 -15.30 3.38 2.03
N ASN A 153 -14.04 3.35 2.46
CA ASN A 153 -13.11 2.27 2.15
C ASN A 153 -13.72 0.94 2.55
N GLN A 154 -14.31 0.86 3.74
CA GLN A 154 -14.88 -0.41 4.19
C GLN A 154 -16.07 -0.89 3.34
N PHE A 155 -16.85 0.06 2.84
CA PHE A 155 -17.96 -0.29 1.96
C PHE A 155 -17.38 -0.89 0.67
N LEU A 156 -16.33 -0.25 0.14
CA LEU A 156 -15.67 -0.73 -1.07
C LEU A 156 -15.07 -2.13 -0.87
N ILE A 157 -14.55 -2.41 0.31
CA ILE A 157 -13.97 -3.71 0.65
C ILE A 157 -15.05 -4.78 0.77
N ASN A 158 -16.11 -4.47 1.52
CA ASN A 158 -17.22 -5.39 1.75
C ASN A 158 -18.05 -5.73 0.54
N THR A 159 -18.12 -4.82 -0.44
CA THR A 159 -18.86 -5.10 -1.68
C THR A 159 -17.94 -5.64 -2.79
N ASN A 160 -16.70 -5.97 -2.46
CA ASN A 160 -15.72 -6.50 -3.43
C ASN A 160 -15.61 -5.63 -4.67
N SER A 161 -15.52 -4.31 -4.46
CA SER A 161 -15.43 -3.39 -5.57
C SER A 161 -14.12 -3.52 -6.34
N GLU A 162 -14.13 -3.02 -7.58
CA GLU A 162 -12.95 -3.10 -8.40
C GLU A 162 -11.80 -2.34 -7.74
N LEU A 163 -12.09 -1.22 -7.09
CA LEU A 163 -11.05 -0.43 -6.44
C LEU A 163 -10.38 -1.20 -5.30
N ALA A 164 -11.16 -1.89 -4.48
CA ALA A 164 -10.57 -2.63 -3.38
C ALA A 164 -9.73 -3.80 -3.88
N LEU A 165 -10.13 -4.39 -5.01
CA LEU A 165 -9.38 -5.51 -5.59
C LEU A 165 -8.08 -4.99 -6.16
N MET A 166 -8.12 -3.80 -6.73
CA MET A 166 -6.91 -3.19 -7.28
C MET A 166 -5.92 -2.87 -6.16
N TYR A 167 -6.41 -2.37 -5.04
CA TYR A 167 -5.55 -1.88 -3.97
C TYR A 167 -5.39 -2.81 -2.76
N ASN A 168 -5.83 -4.04 -2.88
CA ASN A 168 -5.66 -5.06 -1.83
C ASN A 168 -6.13 -4.59 -0.43
N ASP A 169 -7.30 -3.95 -0.40
CA ASP A 169 -7.97 -3.49 0.83
C ASP A 169 -7.21 -2.45 1.67
N GLU A 170 -6.05 -1.97 1.21
CA GLU A 170 -5.27 -1.04 2.01
C GLU A 170 -5.36 0.38 1.46
N SER A 171 -5.86 1.28 2.30
CA SER A 171 -6.06 2.69 1.97
C SER A 171 -6.55 2.79 0.53
N VAL A 172 -7.65 2.09 0.27
CA VAL A 172 -8.18 1.97 -1.09
C VAL A 172 -8.41 3.30 -1.77
N LEU A 173 -9.22 4.15 -1.16
CA LEU A 173 -9.55 5.45 -1.72
C LEU A 173 -8.34 6.37 -1.88
N GLU A 174 -7.51 6.42 -0.84
CA GLU A 174 -6.37 7.32 -0.80
C GLU A 174 -5.34 6.96 -1.87
N ASN A 175 -5.11 5.66 -2.06
CA ASN A 175 -4.21 5.23 -3.14
C ASN A 175 -4.81 5.67 -4.47
N HIS A 176 -6.13 5.52 -4.60
CA HIS A 176 -6.84 5.92 -5.80
C HIS A 176 -6.80 7.44 -6.08
N HIS A 177 -6.93 8.29 -5.05
CA HIS A 177 -6.91 9.76 -5.20
C HIS A 177 -5.52 10.17 -5.74
N LEU A 178 -4.48 9.56 -5.16
CA LEU A 178 -3.12 9.81 -5.60
C LEU A 178 -2.88 9.40 -7.04
N ALA A 179 -3.35 8.20 -7.39
CA ALA A 179 -3.16 7.67 -8.74
C ALA A 179 -3.80 8.59 -9.77
N VAL A 180 -5.02 9.06 -9.47
CA VAL A 180 -5.74 9.96 -10.37
C VAL A 180 -4.98 11.29 -10.52
N GLY A 181 -4.64 11.91 -9.40
CA GLY A 181 -3.94 13.18 -9.39
C GLY A 181 -2.62 13.15 -10.16
N PHE A 182 -1.86 12.07 -9.99
CA PHE A 182 -0.56 11.96 -10.65
C PHE A 182 -0.70 11.51 -12.10
N LYS A 183 -1.75 10.74 -12.40
CA LYS A 183 -2.02 10.30 -13.77
C LYS A 183 -2.34 11.52 -14.63
N LEU A 184 -3.11 12.45 -14.07
CA LEU A 184 -3.45 13.70 -14.76
C LEU A 184 -2.22 14.57 -15.10
N LEU A 185 -1.13 14.45 -14.34
CA LEU A 185 0.11 15.19 -14.63
C LEU A 185 0.87 14.65 -15.86
N GLN A 186 0.59 13.41 -16.26
CA GLN A 186 1.20 12.81 -17.44
C GLN A 186 0.38 13.35 -18.60
N GLU A 187 1.02 14.20 -19.39
CA GLU A 187 0.42 14.93 -20.52
C GLU A 187 0.98 16.33 -20.39
N GLU A 188 1.76 16.77 -21.37
CA GLU A 188 2.38 18.11 -21.38
C GLU A 188 1.36 19.23 -21.12
N HIS A 189 0.16 19.10 -21.71
CA HIS A 189 -0.93 20.07 -21.58
C HIS A 189 -1.48 20.17 -20.14
N ASP A 191 1.15 19.09 -17.33
CA ASP A 191 2.27 18.87 -16.40
C ASP A 191 2.72 20.19 -15.77
N ILE A 192 2.07 20.56 -14.67
CA ILE A 192 2.40 21.79 -13.96
C ILE A 192 3.79 21.73 -13.32
N PHE A 193 4.36 20.52 -13.16
CA PHE A 193 5.67 20.33 -12.55
C PHE A 193 6.80 20.15 -13.57
N MET A 194 6.50 20.47 -14.83
CA MET A 194 7.43 20.37 -15.95
C MET A 194 8.76 21.08 -15.72
N ASN A 195 8.72 22.20 -15.01
CA ASN A 195 9.92 23.00 -14.82
C ASN A 195 10.62 22.81 -13.47
N LEU A 196 10.18 21.83 -12.69
CA LEU A 196 10.93 21.45 -11.48
C LEU A 196 12.09 20.56 -11.95
N THR A 197 13.12 20.42 -11.13
CA THR A 197 14.25 19.54 -11.45
C THR A 197 13.78 18.10 -11.23
N LYS A 198 14.53 17.13 -11.74
CA LYS A 198 14.16 15.72 -11.55
C LYS A 198 14.09 15.39 -10.06
N LYS A 199 15.10 15.84 -9.31
CA LYS A 199 15.13 15.60 -7.86
C LYS A 199 13.92 16.26 -7.20
N GLN A 200 13.55 17.45 -7.68
CA GLN A 200 12.42 18.15 -7.10
C GLN A 200 11.11 17.35 -7.28
N ARG A 201 10.84 16.87 -8.50
CA ARG A 201 9.64 16.06 -8.78
C ARG A 201 9.57 14.80 -7.92
N GLN A 202 10.72 14.16 -7.71
CA GLN A 202 10.83 12.93 -6.91
C GLN A 202 10.54 13.23 -5.44
N THR A 203 11.10 14.33 -4.93
CA THR A 203 10.88 14.72 -3.55
C THR A 203 9.40 15.13 -3.34
N LEU A 204 8.86 15.90 -4.27
CA LEU A 204 7.46 16.33 -4.21
C LEU A 204 6.52 15.12 -4.18
N ARG A 205 6.73 14.18 -5.11
CA ARG A 205 5.91 12.98 -5.22
C ARG A 205 5.96 12.17 -3.93
N LYS A 206 7.15 12.02 -3.35
CA LYS A 206 7.32 11.29 -2.11
C LYS A 206 6.50 11.97 -1.04
N MET A 207 6.59 13.29 -0.96
CA MET A 207 5.87 14.07 0.04
C MET A 207 4.35 14.00 -0.13
N VAL A 208 3.87 14.15 -1.36
CA VAL A 208 2.44 14.17 -1.64
C VAL A 208 1.79 12.82 -1.33
N ILE A 209 2.44 11.74 -1.75
CA ILE A 209 1.95 10.40 -1.48
C ILE A 209 1.82 10.22 0.04
N ASP A 210 2.86 10.63 0.77
CA ASP A 210 2.87 10.54 2.23
C ASP A 210 1.66 11.27 2.84
N MET A 211 1.42 12.50 2.41
CA MET A 211 0.35 13.33 2.96
C MET A 211 -1.04 12.80 2.65
N VAL A 212 -1.27 12.36 1.42
CA VAL A 212 -2.60 11.87 1.06
C VAL A 212 -2.92 10.55 1.75
N LEU A 213 -1.92 9.66 1.85
CA LEU A 213 -2.12 8.38 2.54
C LEU A 213 -2.43 8.62 4.00
N ALA A 214 -1.89 9.70 4.55
CA ALA A 214 -2.14 10.07 5.93
C ALA A 214 -3.56 10.59 6.19
N THR A 215 -4.34 10.89 5.14
CA THR A 215 -5.74 11.32 5.33
C THR A 215 -6.69 10.15 5.58
N ASP A 216 -6.21 8.91 5.42
CA ASP A 216 -7.01 7.70 5.70
C ASP A 216 -7.27 7.68 7.20
N MET A 217 -8.52 7.82 7.60
CA MET A 217 -8.87 7.87 9.02
C MET A 217 -8.41 6.65 9.83
N SER A 218 -8.24 5.49 9.16
CA SER A 218 -7.77 4.29 9.87
C SER A 218 -6.37 4.47 10.51
N LYS A 219 -5.63 5.46 10.02
CA LYS A 219 -4.31 5.84 10.54
C LYS A 219 -4.37 7.03 11.53
N HIS A 220 -5.58 7.48 11.90
CA HIS A 220 -5.72 8.65 12.76
C HIS A 220 -4.98 8.49 14.09
N MET A 221 -5.27 7.42 14.81
CA MET A 221 -4.66 7.14 16.11
C MET A 221 -3.14 7.09 16.08
N SER A 222 -2.56 6.50 15.03
CA SER A 222 -1.10 6.41 14.92
C SER A 222 -0.49 7.77 14.61
N LEU A 223 -1.18 8.55 13.77
CA LEU A 223 -0.72 9.89 13.42
C LEU A 223 -0.66 10.76 14.68
N LEU A 224 -1.71 10.64 15.49
CA LEU A 224 -1.85 11.42 16.71
C LEU A 224 -0.79 11.02 17.74
N ALA A 225 -0.61 9.72 17.95
CA ALA A 225 0.41 9.22 18.87
C ALA A 225 1.78 9.74 18.45
N ASP A 226 2.04 9.74 17.14
CA ASP A 226 3.31 10.22 16.60
C ASP A 226 3.46 11.74 16.75
N LEU A 227 2.37 12.48 16.59
CA LEU A 227 2.39 13.93 16.75
C LEU A 227 2.59 14.33 18.22
N LYS A 228 2.08 13.52 19.15
CA LYS A 228 2.23 13.80 20.58
C LYS A 228 3.70 13.65 20.96
N THR A 229 4.36 12.64 20.38
CA THR A 229 5.77 12.39 20.62
C THR A 229 6.61 13.56 20.10
N MET A 230 6.16 14.15 19.00
CA MET A 230 6.82 15.31 18.40
C MET A 230 6.69 16.56 19.29
N VAL A 231 5.52 16.74 19.88
CA VAL A 231 5.27 17.85 20.79
C VAL A 231 6.17 17.70 22.03
N GLU A 232 6.36 16.47 22.48
CA GLU A 232 7.18 16.16 23.67
C GLU A 232 8.65 16.56 23.51
N THR A 233 9.19 16.35 22.31
CA THR A 233 10.59 16.66 22.01
C THR A 233 10.75 18.00 21.26
N LYS A 234 9.68 18.82 21.29
CA LYS A 234 9.65 20.11 20.62
C LYS A 234 10.79 21.04 21.03
N LYS A 235 11.45 21.62 20.03
CA LYS A 235 12.54 22.57 20.21
C LYS A 235 12.24 23.82 19.36
N VAL A 236 12.65 24.98 19.87
CA VAL A 236 12.40 26.25 19.19
C VAL A 236 13.61 27.20 19.16
N THR A 237 13.55 28.20 18.30
CA THR A 237 14.57 29.23 18.27
C THR A 237 14.21 30.18 19.43
N SER A 238 15.05 31.17 19.70
CA SER A 238 14.74 32.13 20.76
C SER A 238 13.49 32.99 20.42
N SER A 239 13.11 32.98 19.14
CA SER A 239 11.96 33.74 18.63
C SER A 239 10.60 33.04 18.80
N GLY A 240 10.62 31.74 19.10
CA GLY A 240 9.40 30.96 19.24
C GLY A 240 9.01 30.22 17.97
N VAL A 241 9.99 29.96 17.10
CA VAL A 241 9.78 29.25 15.85
C VAL A 241 10.27 27.81 16.01
N LEU A 242 9.45 26.87 15.59
CA LEU A 242 9.79 25.45 15.66
C LEU A 242 11.08 25.13 14.92
N LEU A 243 11.86 24.23 15.52
CA LEU A 243 13.08 23.73 14.91
C LEU A 243 12.78 22.32 14.43
N LEU A 244 12.95 22.08 13.13
CA LEU A 244 12.74 20.77 12.54
C LEU A 244 14.10 20.33 11.96
N ASP A 245 14.65 19.24 12.51
CA ASP A 245 16.01 18.76 12.16
C ASP A 245 16.23 18.42 10.68
N ASN A 246 15.51 17.44 10.16
CA ASN A 246 15.59 17.10 8.73
C ASN A 246 14.23 16.70 8.18
N TYR A 247 14.23 16.16 6.97
CA TYR A 247 13.05 15.74 6.27
C TYR A 247 12.05 14.97 7.13
N THR A 248 12.50 13.99 7.90
CA THR A 248 11.56 13.18 8.68
C THR A 248 10.63 14.01 9.56
N ASP A 249 11.19 14.99 10.27
CA ASP A 249 10.37 15.84 11.14
C ASP A 249 9.49 16.80 10.34
N ARG A 250 10.02 17.31 9.23
CA ARG A 250 9.25 18.24 8.40
C ARG A 250 8.04 17.56 7.77
N ILE A 251 8.23 16.39 7.17
CA ILE A 251 7.13 15.67 6.56
C ILE A 251 6.11 15.20 7.61
N GLN A 252 6.54 14.96 8.84
CA GLN A 252 5.62 14.55 9.91
C GLN A 252 4.66 15.67 10.26
N VAL A 253 5.17 16.91 10.32
CA VAL A 253 4.34 18.07 10.60
C VAL A 253 3.38 18.30 9.44
N LEU A 254 3.88 18.18 8.20
CA LEU A 254 3.05 18.42 7.01
C LEU A 254 1.91 17.40 6.88
N ARG A 255 2.20 16.12 7.16
CA ARG A 255 1.17 15.06 7.13
C ARG A 255 0.05 15.39 8.10
N ASN A 256 0.46 15.79 9.30
CA ASN A 256 -0.49 16.13 10.34
C ASN A 256 -1.26 17.40 10.03
N MET A 257 -0.62 18.34 9.35
CA MET A 257 -1.25 19.60 8.97
C MET A 257 -2.38 19.34 7.98
N VAL A 258 -2.11 18.51 6.98
CA VAL A 258 -3.14 18.19 6.00
C VAL A 258 -4.28 17.42 6.68
N HIS A 259 -3.95 16.55 7.63
CA HIS A 259 -4.95 15.75 8.35
C HIS A 259 -5.81 16.69 9.18
N CYS A 260 -5.19 17.67 9.84
CA CYS A 260 -5.92 18.69 10.61
C CYS A 260 -6.86 19.46 9.68
N ALA A 261 -6.34 19.83 8.50
CA ALA A 261 -7.15 20.57 7.53
C ALA A 261 -8.35 19.75 7.13
N ASP A 262 -8.13 18.46 6.90
CA ASP A 262 -9.20 17.53 6.57
C ASP A 262 -10.22 17.42 7.70
N LEU A 263 -9.75 17.53 8.94
CA LEU A 263 -10.60 17.46 10.13
C LEU A 263 -10.88 18.85 10.71
N SER A 264 -10.93 19.87 9.85
CA SER A 264 -11.11 21.23 10.31
C SER A 264 -12.53 21.77 10.35
N ASN A 265 -13.52 21.04 9.84
CA ASN A 265 -14.90 21.57 9.80
C ASN A 265 -15.42 22.09 11.16
N PRO A 266 -15.26 21.32 12.25
CA PRO A 266 -15.75 21.76 13.57
C PRO A 266 -14.99 22.97 14.18
N THR A 267 -13.87 23.36 13.59
CA THR A 267 -13.10 24.53 14.06
C THR A 267 -13.46 25.82 13.31
N LYS A 268 -14.36 25.73 12.33
CA LYS A 268 -14.78 26.91 11.57
C LYS A 268 -16.01 27.54 12.25
N SER A 269 -16.43 28.71 11.77
CA SER A 269 -17.63 29.35 12.29
C SER A 269 -18.78 28.33 12.29
N LEU A 270 -19.72 28.48 13.21
CA LEU A 270 -20.86 27.57 13.32
C LEU A 270 -21.68 27.53 12.03
N GLU A 271 -21.90 28.67 11.39
CA GLU A 271 -22.63 28.74 10.12
C GLU A 271 -22.00 27.78 9.07
N LEU A 272 -20.67 27.76 8.97
CA LEU A 272 -19.98 26.88 8.04
C LEU A 272 -20.04 25.41 8.48
N TYR A 273 -19.69 25.18 9.73
CA TYR A 273 -19.67 23.84 10.31
C TYR A 273 -21.02 23.13 10.15
N ARG A 274 -22.11 23.83 10.37
CA ARG A 274 -23.42 23.22 10.24
C ARG A 274 -23.66 22.78 8.81
N GLN A 275 -23.17 23.54 7.82
CA GLN A 275 -23.34 23.13 6.42
C GLN A 275 -22.51 21.89 6.13
N TRP A 276 -21.29 21.82 6.67
CA TRP A 276 -20.45 20.65 6.47
C TRP A 276 -21.08 19.41 7.08
N THR A 277 -21.72 19.56 8.24
CA THR A 277 -22.40 18.46 8.91
C THR A 277 -23.60 17.95 8.10
N ASP A 278 -24.40 18.88 7.57
CA ASP A 278 -25.54 18.53 6.70
C ASP A 278 -25.03 17.64 5.53
N ARG A 279 -23.87 18.02 4.99
CA ARG A 279 -23.29 17.33 3.83
C ARG A 279 -22.77 15.94 4.16
N ILE A 280 -21.97 15.82 5.23
CA ILE A 280 -21.45 14.49 5.59
C ILE A 280 -22.57 13.55 5.95
N MET A 281 -23.60 14.06 6.62
CA MET A 281 -24.70 13.21 7.03
C MET A 281 -25.52 12.80 5.81
N GLU A 282 -25.67 13.67 4.82
CA GLU A 282 -26.37 13.27 3.58
C GLU A 282 -25.60 12.15 2.87
N GLU A 283 -24.28 12.29 2.81
CA GLU A 283 -23.45 11.29 2.17
C GLU A 283 -23.48 9.95 2.93
N PHE A 284 -23.26 10.01 4.24
CA PHE A 284 -23.29 8.82 5.09
C PHE A 284 -24.63 8.09 4.99
N PHE A 285 -25.74 8.83 5.12
CA PHE A 285 -27.07 8.23 5.07
C PHE A 285 -27.37 7.54 3.73
N GLN A 286 -26.87 8.12 2.63
CA GLN A 286 -26.99 7.53 1.29
C GLN A 286 -26.20 6.21 1.25
N GLN A 287 -25.06 6.16 1.92
CA GLN A 287 -24.28 4.92 2.00
C GLN A 287 -25.11 3.88 2.76
N GLY A 288 -25.75 4.31 3.84
CA GLY A 288 -26.57 3.42 4.65
C GLY A 288 -27.74 2.86 3.88
N ASP A 289 -28.34 3.68 3.03
CA ASP A 289 -29.43 3.23 2.17
C ASP A 289 -28.90 2.21 1.18
N LYS A 290 -27.68 2.42 0.66
CA LYS A 290 -27.07 1.48 -0.27
C LYS A 290 -26.81 0.16 0.46
N GLU A 291 -26.36 0.25 1.72
CA GLU A 291 -26.10 -0.94 2.50
C GLU A 291 -27.40 -1.75 2.68
N ARG A 292 -28.46 -1.06 3.07
CA ARG A 292 -29.78 -1.69 3.29
C ARG A 292 -30.30 -2.38 2.03
N GLU A 293 -30.22 -1.70 0.89
CA GLU A 293 -30.68 -2.24 -0.40
C GLU A 293 -29.99 -3.55 -0.75
N ARG A 294 -28.67 -3.64 -0.49
CA ARG A 294 -27.87 -4.83 -0.76
C ARG A 294 -27.90 -5.88 0.35
N GLY A 295 -28.74 -5.68 1.37
CA GLY A 295 -28.83 -6.64 2.47
C GLY A 295 -27.59 -6.79 3.33
N MET A 296 -26.72 -5.79 3.32
CA MET A 296 -25.51 -5.81 4.15
C MET A 296 -25.87 -5.19 5.48
N GLU A 297 -25.02 -5.36 6.48
CA GLU A 297 -25.27 -4.77 7.79
C GLU A 297 -25.13 -3.26 7.65
N ILE A 298 -26.02 -2.52 8.32
CA ILE A 298 -26.01 -1.07 8.25
C ILE A 298 -24.96 -0.52 9.22
N SER A 299 -24.02 0.24 8.71
CA SER A 299 -23.04 0.92 9.55
C SER A 299 -23.82 1.94 10.42
N PRO A 300 -23.72 1.84 11.75
CA PRO A 300 -24.56 2.64 12.65
C PRO A 300 -24.65 4.15 12.36
N MET A 301 -23.54 4.81 12.09
CA MET A 301 -23.58 6.24 11.83
C MET A 301 -24.01 6.61 10.39
N ASP A 303 -26.94 4.96 9.38
CA ASP A 303 -28.34 4.55 9.47
C ASP A 303 -29.26 5.75 9.78
N LYS A 304 -29.95 6.26 8.76
CA LYS A 304 -30.83 7.42 8.92
C LYS A 304 -31.98 7.22 9.90
N HIS A 305 -32.39 5.98 10.13
CA HIS A 305 -33.50 5.68 11.03
C HIS A 305 -33.12 5.64 12.51
N THR A 306 -31.81 5.66 12.80
CA THR A 306 -31.34 5.55 14.19
C THR A 306 -30.33 6.58 14.66
N ALA A 307 -29.40 6.94 13.80
CA ALA A 307 -28.31 7.85 14.16
C ALA A 307 -28.74 9.26 14.48
N SER A 308 -28.26 9.76 15.62
CA SER A 308 -28.45 11.14 16.02
C SER A 308 -27.34 11.94 15.37
N VAL A 309 -27.69 12.93 14.56
CA VAL A 309 -26.69 13.81 13.91
C VAL A 309 -25.88 14.58 14.95
N GLU A 310 -26.59 15.03 15.99
CA GLU A 310 -26.04 15.89 17.04
C GLU A 310 -25.05 15.13 17.92
N LYS A 311 -25.45 13.94 18.38
CA LYS A 311 -24.56 13.11 19.18
C LYS A 311 -23.33 12.73 18.42
N SER A 312 -23.50 12.48 17.12
CA SER A 312 -22.40 12.06 16.28
C SER A 312 -21.34 13.17 16.15
N GLN A 313 -21.77 14.42 16.05
CA GLN A 313 -20.84 15.52 16.01
C GLN A 313 -20.16 15.69 17.37
N VAL A 314 -20.89 15.52 18.47
CA VAL A 314 -20.31 15.65 19.81
C VAL A 314 -19.17 14.64 19.98
N GLY A 315 -19.43 13.38 19.58
CA GLY A 315 -18.46 12.30 19.65
C GLY A 315 -17.27 12.52 18.74
N PHE A 316 -17.55 12.98 17.51
CA PHE A 316 -16.52 13.30 16.53
C PHE A 316 -15.56 14.33 17.16
N ILE A 317 -16.10 15.40 17.74
CA ILE A 317 -15.26 16.40 18.37
C ILE A 317 -14.50 15.84 19.59
N ASP A 318 -15.22 15.19 20.49
CA ASP A 318 -14.62 14.67 21.74
C ASP A 318 -13.49 13.66 21.58
N TYR A 319 -13.67 12.70 20.68
CA TYR A 319 -12.72 11.59 20.53
C TYR A 319 -11.78 11.66 19.34
N ILE A 320 -12.06 12.54 18.38
CA ILE A 320 -11.23 12.67 17.20
C ILE A 320 -10.66 14.07 16.97
N VAL A 321 -11.55 15.03 16.75
CA VAL A 321 -11.14 16.38 16.35
C VAL A 321 -10.44 17.16 17.45
N HIS A 322 -11.01 17.18 18.65
CA HIS A 322 -10.39 17.94 19.72
C HIS A 322 -9.03 17.40 20.14
N PRO A 323 -8.89 16.08 20.33
CA PRO A 323 -7.59 15.49 20.68
C PRO A 323 -6.51 15.85 19.69
N LEU A 324 -6.85 15.84 18.39
CA LEU A 324 -5.90 16.17 17.34
C LEU A 324 -5.52 17.64 17.39
N TRP A 325 -6.51 18.52 17.45
CA TRP A 325 -6.26 19.98 17.46
C TRP A 325 -5.66 20.48 18.76
N GLU A 326 -5.90 19.78 19.86
CA GLU A 326 -5.29 20.13 21.14
C GLU A 326 -3.78 19.91 21.00
N THR A 327 -3.41 18.84 20.31
CA THR A 327 -2.01 18.48 20.10
C THR A 327 -1.37 19.43 19.07
N TRP A 328 -2.13 19.79 18.03
CA TRP A 328 -1.63 20.71 17.04
C TRP A 328 -1.36 22.05 17.75
N ALA A 329 -2.33 22.48 18.56
CA ALA A 329 -2.22 23.74 19.32
C ALA A 329 -1.01 23.77 20.23
N ASP A 330 -0.66 22.63 20.80
CA ASP A 330 0.52 22.52 21.66
C ASP A 330 1.76 22.77 20.82
N LEU A 331 1.82 22.14 19.65
CA LEU A 331 2.94 22.25 18.72
C LEU A 331 3.20 23.70 18.28
N VAL A 332 2.14 24.45 18.02
CA VAL A 332 2.28 25.81 17.50
C VAL A 332 1.82 26.91 18.48
N GLN A 333 1.79 26.64 19.78
CA GLN A 333 1.24 27.62 20.74
C GLN A 333 1.92 28.98 20.66
N PRO A 334 1.14 30.06 20.82
CA PRO A 334 -0.31 30.02 21.11
C PRO A 334 -1.19 30.25 19.85
N ASP A 335 -0.64 30.03 18.67
CA ASP A 335 -1.31 30.37 17.40
C ASP A 335 -2.70 29.76 17.16
N ALA A 336 -2.96 28.58 17.71
CA ALA A 336 -4.22 27.89 17.49
C ALA A 336 -5.25 28.00 18.62
N GLN A 337 -5.06 28.89 19.59
CA GLN A 337 -6.01 29.00 20.71
C GLN A 337 -7.42 29.42 20.24
N ASP A 338 -7.50 30.37 19.30
CA ASP A 338 -8.81 30.80 18.78
C ASP A 338 -9.59 29.62 18.19
N ILE A 339 -8.88 28.76 17.47
CA ILE A 339 -9.49 27.58 16.86
C ILE A 339 -10.00 26.63 17.95
N LEU A 340 -9.22 26.45 19.00
CA LEU A 340 -9.62 25.60 20.10
C LEU A 340 -10.86 26.15 20.80
N ASP A 341 -10.93 27.48 20.92
CA ASP A 341 -12.07 28.11 21.57
C ASP A 341 -13.33 27.95 20.71
N THR A 342 -13.17 28.07 19.39
CA THR A 342 -14.30 27.89 18.48
C THR A 342 -14.80 26.45 18.53
N LEU A 343 -13.85 25.53 18.58
CA LEU A 343 -14.14 24.10 18.67
C LEU A 343 -15.00 23.79 19.90
N GLU A 344 -14.65 24.37 21.04
CA GLU A 344 -15.38 24.20 22.29
C GLU A 344 -16.79 24.78 22.21
N ASP A 345 -16.94 25.96 21.64
CA ASP A 345 -18.24 26.59 21.47
C ASP A 345 -19.14 25.75 20.55
N ASN A 346 -18.58 25.27 19.44
CA ASN A 346 -19.34 24.46 18.48
C ASN A 346 -19.81 23.14 19.11
N ARG A 347 -18.94 22.54 19.91
CA ARG A 347 -19.27 21.31 20.62
C ARG A 347 -20.43 21.52 21.56
N ASN A 348 -20.39 22.62 22.29
CA ASN A 348 -21.44 22.95 23.24
C ASN A 348 -22.77 23.25 22.54
N TRP A 349 -22.71 23.79 21.33
CA TRP A 349 -23.92 24.07 20.56
C TRP A 349 -24.60 22.75 20.17
N TYR A 350 -23.83 21.82 19.57
CA TYR A 350 -24.37 20.50 19.18
C TYR A 350 -24.91 19.74 20.40
N GLN A 351 -24.20 19.84 21.53
CA GLN A 351 -24.61 19.19 22.78
C GLN A 351 -25.93 19.78 23.27
N SER A 352 -26.09 21.10 23.10
CA SER A 352 -27.32 21.79 23.53
C SER A 352 -28.52 21.37 22.67
N MET A 353 -28.26 20.90 21.44
CA MET A 353 -29.32 20.42 20.53
C MET A 353 -29.75 18.97 20.82
N ILE A 354 -29.06 18.28 21.74
CA ILE A 354 -29.45 16.93 22.15
C ILE A 354 -30.42 17.09 23.29
N PRO A 355 -31.65 16.60 23.15
CA PRO A 355 -32.67 16.75 24.19
C PRO A 355 -32.30 16.07 25.52
N CYS A 369 -11.00 7.35 27.98
CA CYS A 369 -10.79 8.35 26.95
C CYS A 369 -10.12 7.74 25.73
N GLN A 370 -8.95 7.13 25.94
CA GLN A 370 -8.19 6.48 24.87
C GLN A 370 -9.01 5.32 24.26
N GLY A 371 -9.83 4.68 25.08
CA GLY A 371 -10.68 3.58 24.64
C GLY A 371 -11.80 4.05 23.72
N LEU A 372 -12.41 5.18 24.06
CA LEU A 372 -13.49 5.77 23.25
C LEU A 372 -12.90 6.49 22.03
N MET A 373 -11.59 6.75 22.08
CA MET A 373 -10.87 7.38 20.99
C MET A 373 -10.85 6.38 19.84
N GLU A 374 -10.52 5.14 20.20
CA GLU A 374 -10.47 4.02 19.26
C GLU A 374 -11.88 3.63 18.81
N LYS A 375 -12.85 3.73 19.72
CA LYS A 375 -14.24 3.38 19.40
C LYS A 375 -14.79 4.25 18.28
N PHE A 376 -14.59 5.57 18.39
CA PHE A 376 -15.10 6.49 17.39
C PHE A 376 -14.35 6.36 16.06
N GLN A 377 -13.09 5.94 16.11
CA GLN A 377 -12.30 5.73 14.89
C GLN A 377 -12.84 4.50 14.15
N PHE A 378 -13.33 3.52 14.91
CA PHE A 378 -13.92 2.31 14.33
C PHE A 378 -15.29 2.63 13.74
N GLU A 379 -16.09 3.44 14.42
CA GLU A 379 -17.42 3.80 13.93
C GLU A 379 -17.37 4.49 12.57
N LEU A 380 -16.34 5.30 12.35
CA LEU A 380 -16.16 5.99 11.08
C LEU A 380 -15.61 5.07 10.00
N THR A 381 -14.61 4.27 10.35
CA THR A 381 -13.90 3.42 9.38
C THR A 381 -14.43 2.00 9.23
N LEU A 382 -14.90 1.44 10.35
CA LEU A 382 -15.35 0.05 10.45
C LEU A 382 -14.16 -0.88 10.21
N ASP A 383 -12.99 -0.44 10.64
CA ASP A 383 -11.75 -1.19 10.49
C ASP A 383 -11.48 -2.00 11.75
N GLU B 33 4.30 -38.22 -20.25
CA GLU B 33 3.14 -39.17 -20.22
C GLU B 33 3.37 -40.10 -19.01
N ASP B 34 4.17 -41.15 -19.22
CA ASP B 34 4.64 -41.99 -18.13
C ASP B 34 5.84 -41.24 -17.54
N HIS B 35 6.54 -40.46 -18.38
CA HIS B 35 7.67 -39.66 -17.93
C HIS B 35 7.20 -38.62 -16.91
N LEU B 36 6.03 -38.03 -17.16
CA LEU B 36 5.44 -37.04 -16.25
C LEU B 36 5.13 -37.68 -14.90
N ALA B 37 4.46 -38.84 -14.94
CA ALA B 37 4.12 -39.58 -13.73
C ALA B 37 5.36 -39.98 -12.92
N LYS B 38 6.45 -40.34 -13.60
CA LYS B 38 7.71 -40.68 -12.92
C LYS B 38 8.26 -39.44 -12.21
N GLU B 39 8.25 -38.30 -12.89
CA GLU B 39 8.71 -37.05 -12.29
C GLU B 39 7.85 -36.69 -11.07
N LEU B 40 6.53 -36.88 -11.17
CA LEU B 40 5.59 -36.54 -10.08
C LEU B 40 5.67 -37.44 -8.85
N GLU B 41 6.36 -38.58 -8.95
CA GLU B 41 6.62 -39.41 -7.78
C GLU B 41 7.38 -38.58 -6.73
N ASP B 42 8.14 -37.59 -7.20
CA ASP B 42 8.90 -36.70 -6.31
C ASP B 42 8.12 -35.41 -5.92
N LEU B 43 6.79 -35.43 -5.99
CA LEU B 43 5.97 -34.25 -5.68
C LEU B 43 6.18 -33.65 -4.29
N ASN B 44 6.37 -34.52 -3.29
CA ASN B 44 6.59 -34.11 -1.90
C ASN B 44 8.06 -33.94 -1.54
N LYS B 45 8.93 -33.86 -2.55
CA LYS B 45 10.37 -33.80 -2.35
C LYS B 45 11.00 -32.54 -2.92
N TRP B 46 12.06 -32.07 -2.25
CA TRP B 46 12.83 -30.90 -2.67
C TRP B 46 13.52 -31.13 -4.02
N GLY B 47 13.80 -32.40 -4.34
CA GLY B 47 14.47 -32.78 -5.58
C GLY B 47 13.57 -32.93 -6.83
N LEU B 48 12.30 -32.56 -6.72
CA LEU B 48 11.41 -32.57 -7.88
C LEU B 48 12.05 -31.70 -8.96
N ASN B 49 11.96 -32.14 -10.21
CA ASN B 49 12.50 -31.38 -11.31
C ASN B 49 11.36 -30.73 -12.08
N ILE B 50 11.12 -29.45 -11.81
CA ILE B 50 9.99 -28.75 -12.42
C ILE B 50 10.18 -28.47 -13.91
N PHE B 51 11.44 -28.39 -14.38
CA PHE B 51 11.73 -28.22 -15.81
C PHE B 51 11.20 -29.45 -16.55
N ASN B 52 11.44 -30.63 -15.98
CA ASN B 52 10.97 -31.87 -16.57
C ASN B 52 9.44 -31.92 -16.55
N VAL B 53 8.77 -31.47 -15.49
CA VAL B 53 7.31 -31.52 -15.52
C VAL B 53 6.75 -30.54 -16.55
N ALA B 54 7.41 -29.40 -16.76
CA ALA B 54 6.96 -28.45 -17.79
C ALA B 54 7.01 -29.10 -19.16
N GLY B 55 8.13 -29.75 -19.45
CA GLY B 55 8.34 -30.42 -20.72
C GLY B 55 7.36 -31.55 -21.04
N TYR B 56 6.87 -32.25 -20.03
CA TYR B 56 5.94 -33.37 -20.23
C TYR B 56 4.46 -33.01 -20.00
N SER B 57 4.18 -31.77 -19.60
CA SER B 57 2.81 -31.31 -19.35
C SER B 57 2.35 -30.36 -20.46
N HIS B 58 3.14 -30.28 -21.53
CA HIS B 58 2.88 -29.42 -22.67
C HIS B 58 2.78 -27.94 -22.27
N ASN B 59 3.84 -27.50 -21.59
CA ASN B 59 3.99 -26.13 -21.14
C ASN B 59 2.90 -25.66 -20.22
N ARG B 60 2.42 -26.54 -19.34
CA ARG B 60 1.46 -26.13 -18.32
C ARG B 60 1.97 -26.61 -16.96
N PRO B 61 3.19 -26.23 -16.58
CA PRO B 61 3.74 -26.67 -15.31
C PRO B 61 2.97 -26.14 -14.11
N LEU B 62 2.44 -24.92 -14.19
CA LEU B 62 1.71 -24.35 -13.07
C LEU B 62 0.38 -25.05 -12.88
N THR B 63 -0.38 -25.20 -13.96
CA THR B 63 -1.68 -25.90 -13.87
C THR B 63 -1.48 -27.32 -13.33
N ILE B 65 1.27 -28.86 -11.74
CA ILE B 65 1.76 -28.94 -10.36
C ILE B 65 0.71 -28.54 -9.31
N MET B 66 -0.09 -27.51 -9.59
CA MET B 66 -1.15 -27.10 -8.67
C MET B 66 -2.21 -28.18 -8.55
N TYR B 67 -2.57 -28.79 -9.67
CA TYR B 67 -3.56 -29.87 -9.62
C TYR B 67 -2.96 -31.01 -8.80
N ALA B 68 -1.72 -31.40 -9.10
CA ALA B 68 -1.03 -32.45 -8.34
C ALA B 68 -0.98 -32.17 -6.83
N ILE B 69 -0.65 -30.93 -6.44
CA ILE B 69 -0.54 -30.55 -5.04
C ILE B 69 -1.90 -30.60 -4.33
N PHE B 70 -2.92 -30.02 -4.96
CA PHE B 70 -4.27 -29.97 -4.40
C PHE B 70 -4.85 -31.37 -4.23
N GLN B 71 -4.63 -32.23 -5.21
CA GLN B 71 -5.08 -33.61 -5.10
C GLN B 71 -4.36 -34.33 -3.96
N GLU B 72 -3.05 -34.11 -3.87
CA GLU B 72 -2.23 -34.80 -2.88
C GLU B 72 -2.62 -34.44 -1.44
N ARG B 73 -2.92 -33.15 -1.23
CA ARG B 73 -3.36 -32.66 0.09
C ARG B 73 -4.88 -32.76 0.30
N ASP B 74 -5.58 -33.34 -0.67
CA ASP B 74 -7.04 -33.47 -0.62
C ASP B 74 -7.78 -32.12 -0.51
N LEU B 75 -7.16 -31.04 -1.00
CA LEU B 75 -7.73 -29.68 -0.90
C LEU B 75 -9.01 -29.44 -1.70
N LEU B 76 -9.16 -30.10 -2.85
CA LEU B 76 -10.38 -29.93 -3.65
C LEU B 76 -11.61 -30.46 -2.88
N LYS B 77 -11.46 -31.59 -2.22
CA LYS B 77 -12.57 -32.11 -1.42
C LYS B 77 -12.80 -31.25 -0.18
N THR B 78 -11.72 -30.93 0.53
CA THR B 78 -11.85 -30.17 1.77
C THR B 78 -12.60 -28.87 1.59
N PHE B 79 -12.37 -28.17 0.48
CA PHE B 79 -13.00 -26.86 0.27
C PHE B 79 -14.05 -26.86 -0.85
N ARG B 80 -14.50 -28.06 -1.21
CA ARG B 80 -15.52 -28.27 -2.25
C ARG B 80 -15.21 -27.43 -3.47
N ILE B 81 -14.02 -27.62 -4.00
CA ILE B 81 -13.61 -26.87 -5.17
C ILE B 81 -13.85 -27.82 -6.33
N SER B 82 -14.71 -27.40 -7.26
CA SER B 82 -14.98 -28.25 -8.41
C SER B 82 -13.72 -28.35 -9.26
N SER B 83 -13.44 -29.55 -9.74
CA SER B 83 -12.25 -29.82 -10.53
C SER B 83 -12.18 -28.94 -11.80
N ASP B 84 -13.31 -28.79 -12.49
CA ASP B 84 -13.33 -27.93 -13.68
C ASP B 84 -13.15 -26.44 -13.33
N THR B 85 -13.64 -26.01 -12.17
CA THR B 85 -13.44 -24.62 -11.76
C THR B 85 -11.95 -24.37 -11.46
N PHE B 86 -11.33 -25.30 -10.74
CA PHE B 86 -9.92 -25.21 -10.36
C PHE B 86 -9.02 -25.10 -11.58
N ILE B 87 -9.21 -26.03 -12.50
CA ILE B 87 -8.42 -26.10 -13.71
C ILE B 87 -8.61 -24.86 -14.57
N THR B 88 -9.85 -24.41 -14.72
CA THR B 88 -10.11 -23.22 -15.54
C THR B 88 -9.42 -22.00 -14.97
N TYR B 89 -9.49 -21.87 -13.64
CA TYR B 89 -8.85 -20.76 -12.96
C TYR B 89 -7.35 -20.86 -13.17
N MET B 90 -6.80 -22.05 -12.94
CA MET B 90 -5.33 -22.22 -13.02
C MET B 90 -4.79 -22.04 -14.44
N MET B 91 -5.54 -22.47 -15.44
CA MET B 91 -5.11 -22.27 -16.82
C MET B 91 -5.09 -20.78 -17.14
N THR B 92 -6.12 -20.05 -16.69
CA THR B 92 -6.18 -18.61 -16.95
C THR B 92 -5.07 -17.88 -16.20
N LEU B 93 -4.80 -18.30 -14.96
CA LEU B 93 -3.71 -17.71 -14.18
C LEU B 93 -2.38 -17.93 -14.90
N GLU B 94 -2.17 -19.16 -15.35
CA GLU B 94 -0.94 -19.53 -16.02
C GLU B 94 -0.75 -18.73 -17.32
N ASP B 95 -1.85 -18.44 -18.01
CA ASP B 95 -1.84 -17.68 -19.26
C ASP B 95 -1.45 -16.23 -19.00
N HIS B 96 -1.67 -15.76 -17.78
CA HIS B 96 -1.31 -14.39 -17.39
C HIS B 96 0.14 -14.26 -16.96
N TYR B 97 0.87 -15.38 -16.89
CA TYR B 97 2.35 -15.32 -16.74
C TYR B 97 2.87 -15.19 -18.18
N HIS B 98 3.78 -14.26 -18.43
CA HIS B 98 4.31 -14.03 -19.78
C HIS B 98 5.38 -15.04 -20.16
N SER B 99 5.19 -15.75 -21.26
CA SER B 99 6.17 -16.75 -21.73
C SER B 99 7.44 -16.10 -22.29
N ASP B 100 7.37 -14.83 -22.68
CA ASP B 100 8.54 -14.13 -23.21
C ASP B 100 9.43 -13.42 -22.14
N VAL B 101 9.15 -13.68 -20.88
CA VAL B 101 9.93 -13.17 -19.76
C VAL B 101 10.73 -14.40 -19.34
N ALA B 102 12.06 -14.26 -19.26
CA ALA B 102 12.92 -15.41 -19.05
C ALA B 102 12.84 -16.12 -17.72
N TYR B 103 12.63 -15.37 -16.63
CA TYR B 103 12.58 -15.95 -15.30
C TYR B 103 11.19 -15.94 -14.67
N HIS B 104 10.56 -14.77 -14.61
CA HIS B 104 9.26 -14.57 -13.96
C HIS B 104 8.09 -15.00 -14.85
N ASN B 105 8.16 -16.25 -15.30
CA ASN B 105 7.11 -16.89 -16.08
C ASN B 105 6.46 -17.98 -15.22
N SER B 106 5.54 -18.75 -15.79
CA SER B 106 4.78 -19.74 -15.01
C SER B 106 5.61 -20.87 -14.41
N LEU B 107 6.79 -21.13 -14.96
CA LEU B 107 7.67 -22.14 -14.38
C LEU B 107 8.16 -21.71 -12.99
N HIS B 108 8.43 -20.41 -12.81
CA HIS B 108 8.88 -19.89 -11.52
C HIS B 108 7.75 -19.99 -10.51
N ALA B 109 6.53 -19.67 -10.94
CA ALA B 109 5.37 -19.80 -10.07
C ALA B 109 5.14 -21.24 -9.64
N ALA B 110 5.21 -22.15 -10.60
CA ALA B 110 5.09 -23.55 -10.32
C ALA B 110 6.18 -24.04 -9.35
N ASP B 111 7.41 -23.52 -9.47
CA ASP B 111 8.51 -23.92 -8.61
C ASP B 111 8.25 -23.42 -7.19
N VAL B 112 7.74 -22.20 -7.07
CA VAL B 112 7.53 -21.63 -5.74
C VAL B 112 6.35 -22.32 -5.06
N ALA B 113 5.34 -22.70 -5.83
CA ALA B 113 4.18 -23.40 -5.27
C ALA B 113 4.59 -24.80 -4.78
N GLN B 114 5.38 -25.52 -5.57
CA GLN B 114 5.83 -26.87 -5.19
C GLN B 114 6.78 -26.83 -4.00
N SER B 115 7.66 -25.84 -3.99
CA SER B 115 8.61 -25.64 -2.90
C SER B 115 7.88 -25.31 -1.60
N THR B 116 6.84 -24.49 -1.70
CA THR B 116 6.02 -24.13 -0.55
C THR B 116 5.31 -25.37 -0.05
N HIS B 117 4.82 -26.17 -1.00
CA HIS B 117 4.16 -27.44 -0.68
C HIS B 117 5.05 -28.36 0.16
N VAL B 118 6.34 -28.40 -0.15
CA VAL B 118 7.27 -29.23 0.58
C VAL B 118 7.54 -28.63 1.96
N LEU B 119 7.68 -27.30 2.02
CA LEU B 119 7.99 -26.59 3.26
C LEU B 119 6.86 -26.71 4.28
N LEU B 120 5.62 -26.74 3.81
CA LEU B 120 4.47 -26.91 4.68
C LEU B 120 4.50 -28.25 5.42
N SER B 121 5.21 -29.22 4.86
CA SER B 121 5.33 -30.56 5.44
C SER B 121 6.58 -30.79 6.29
N THR B 122 7.35 -29.75 6.63
CA THR B 122 8.55 -30.00 7.44
C THR B 122 8.08 -30.50 8.80
N PRO B 123 8.70 -31.56 9.34
CA PRO B 123 8.29 -32.12 10.64
C PRO B 123 8.04 -31.10 11.75
N ALA B 124 8.90 -30.10 11.86
CA ALA B 124 8.75 -29.07 12.90
C ALA B 124 7.40 -28.33 12.87
N LEU B 125 6.74 -28.29 11.72
CA LEU B 125 5.45 -27.60 11.59
C LEU B 125 4.24 -28.55 11.50
N ASP B 126 4.44 -29.83 11.77
CA ASP B 126 3.37 -30.81 11.68
C ASP B 126 2.16 -30.38 12.52
N ALA B 127 0.98 -30.38 11.89
CA ALA B 127 -0.31 -30.09 12.53
C ALA B 127 -0.50 -28.66 13.02
N VAL B 128 0.45 -27.79 12.74
CA VAL B 128 0.40 -26.41 13.21
C VAL B 128 -0.62 -25.56 12.44
N PHE B 129 -0.66 -25.74 11.14
CA PHE B 129 -1.51 -24.93 10.30
C PHE B 129 -2.85 -25.57 9.99
N THR B 130 -3.87 -24.73 9.91
CA THR B 130 -5.20 -25.14 9.51
C THR B 130 -5.15 -25.42 8.02
N ASP B 131 -6.15 -26.14 7.52
CA ASP B 131 -6.30 -26.41 6.11
C ASP B 131 -6.40 -25.09 5.32
N LEU B 132 -7.05 -24.09 5.91
CA LEU B 132 -7.24 -22.80 5.25
C LEU B 132 -5.91 -22.08 5.06
N GLU B 133 -5.03 -22.20 6.06
CA GLU B 133 -3.72 -21.59 6.02
C GLU B 133 -2.87 -22.27 4.95
N ILE B 134 -3.01 -23.58 4.84
CA ILE B 134 -2.26 -24.34 3.85
C ILE B 134 -2.69 -23.93 2.44
N LEU B 135 -3.99 -23.78 2.27
CA LEU B 135 -4.59 -23.37 1.02
C LEU B 135 -4.13 -21.97 0.64
N ALA B 136 -4.10 -21.08 1.62
CA ALA B 136 -3.68 -19.70 1.42
C ALA B 136 -2.25 -19.61 0.97
N ALA B 137 -1.38 -20.37 1.62
CA ALA B 137 0.05 -20.34 1.28
C ALA B 137 0.36 -20.85 -0.12
N ILE B 138 -0.27 -21.96 -0.51
CA ILE B 138 -0.03 -22.54 -1.83
C ILE B 138 -0.62 -21.64 -2.92
N PHE B 139 -1.81 -21.09 -2.67
CA PHE B 139 -2.44 -20.16 -3.61
C PHE B 139 -1.58 -18.89 -3.77
N ALA B 140 -1.06 -18.39 -2.64
CA ALA B 140 -0.19 -17.21 -2.66
C ALA B 140 1.00 -17.51 -3.56
N ALA B 141 1.65 -18.66 -3.37
CA ALA B 141 2.80 -19.03 -4.20
C ALA B 141 2.46 -19.05 -5.69
N ALA B 142 1.32 -19.64 -6.04
CA ALA B 142 0.89 -19.73 -7.43
C ALA B 142 0.70 -18.38 -8.14
N ILE B 143 0.13 -17.42 -7.43
CA ILE B 143 -0.21 -16.13 -8.00
C ILE B 143 0.82 -15.08 -7.75
N HIS B 144 1.86 -15.38 -6.98
CA HIS B 144 2.71 -14.31 -6.46
C HIS B 144 3.49 -13.46 -7.44
N ASP B 145 3.67 -13.93 -8.69
CA ASP B 145 4.39 -13.17 -9.73
C ASP B 145 3.57 -13.02 -11.03
N VAL B 146 2.28 -13.26 -10.96
CA VAL B 146 1.43 -13.23 -12.15
C VAL B 146 1.44 -11.86 -12.86
N ASP B 147 1.62 -11.92 -14.18
CA ASP B 147 1.66 -10.74 -15.05
C ASP B 147 2.90 -9.86 -14.81
N HIS B 148 3.99 -10.51 -14.40
CA HIS B 148 5.26 -9.85 -14.18
C HIS B 148 5.78 -9.45 -15.58
N PRO B 149 6.15 -8.18 -15.74
CA PRO B 149 6.67 -7.69 -17.03
C PRO B 149 8.16 -7.96 -17.26
N GLY B 150 8.90 -8.50 -16.30
CA GLY B 150 10.31 -8.78 -16.55
C GLY B 150 11.26 -7.64 -16.21
N VAL B 151 10.74 -6.62 -15.56
CA VAL B 151 11.53 -5.48 -15.09
C VAL B 151 11.21 -5.29 -13.61
N SER B 152 12.13 -4.69 -12.87
CA SER B 152 11.99 -4.50 -11.43
C SER B 152 11.09 -3.34 -11.02
N ASN B 153 10.71 -3.33 -9.74
CA ASN B 153 9.94 -2.21 -9.18
C ASN B 153 10.64 -0.89 -9.43
N GLN B 154 11.97 -0.84 -9.24
CA GLN B 154 12.69 0.41 -9.41
C GLN B 154 12.73 0.91 -10.86
N PHE B 155 12.81 -0.01 -11.83
CA PHE B 155 12.72 0.36 -13.24
C PHE B 155 11.34 0.97 -13.54
N LEU B 156 10.28 0.35 -13.02
CA LEU B 156 8.93 0.85 -13.20
C LEU B 156 8.73 2.22 -12.56
N ILE B 157 9.32 2.44 -11.40
CA ILE B 157 9.24 3.72 -10.71
C ILE B 157 10.03 4.77 -11.49
N ASN B 158 11.27 4.45 -11.84
CA ASN B 158 12.14 5.37 -12.57
C ASN B 158 11.59 5.78 -13.92
N THR B 159 10.85 4.88 -14.59
CA THR B 159 10.29 5.18 -15.92
C THR B 159 8.88 5.77 -15.88
N ASN B 160 8.37 6.07 -14.69
CA ASN B 160 7.01 6.61 -14.52
C ASN B 160 5.97 5.73 -15.23
N SER B 161 6.14 4.42 -15.09
CA SER B 161 5.26 3.44 -15.71
C SER B 161 3.85 3.56 -15.16
N GLU B 162 2.91 2.99 -15.89
CA GLU B 162 1.52 2.99 -15.49
C GLU B 162 1.31 2.27 -14.16
N LEU B 163 2.02 1.16 -13.95
CA LEU B 163 1.90 0.43 -12.69
C LEU B 163 2.43 1.23 -11.51
N ALA B 164 3.51 2.00 -11.68
CA ALA B 164 4.05 2.79 -10.58
C ALA B 164 3.11 3.96 -10.23
N LEU B 165 2.47 4.55 -11.24
CA LEU B 165 1.52 5.63 -11.02
C LEU B 165 0.29 5.09 -10.30
N MET B 166 -0.15 3.91 -10.71
CA MET B 166 -1.30 3.25 -10.08
C MET B 166 -1.04 2.91 -8.61
N TYR B 167 0.17 2.45 -8.30
CA TYR B 167 0.48 1.96 -6.95
C TYR B 167 1.34 2.86 -6.08
N ASN B 168 1.53 4.10 -6.51
CA ASN B 168 2.25 5.09 -5.74
C ASN B 168 3.64 4.64 -5.26
N ASP B 169 4.33 3.95 -6.16
CA ASP B 169 5.71 3.50 -5.98
C ASP B 169 5.94 2.48 -4.88
N GLU B 170 4.88 2.00 -4.22
CA GLU B 170 5.02 1.08 -3.09
C GLU B 170 4.66 -0.34 -3.49
N SER B 171 5.64 -1.25 -3.36
CA SER B 171 5.44 -2.66 -3.73
C SER B 171 4.59 -2.75 -5.00
N VAL B 172 5.04 -2.07 -6.03
CA VAL B 172 4.29 -1.94 -7.29
C VAL B 172 3.91 -3.28 -7.91
N LEU B 173 4.90 -4.12 -8.17
CA LEU B 173 4.65 -5.42 -8.79
C LEU B 173 3.80 -6.32 -7.92
N GLU B 174 4.14 -6.36 -6.64
CA GLU B 174 3.47 -7.26 -5.71
C GLU B 174 1.97 -6.94 -5.53
N ASN B 175 1.64 -5.66 -5.46
CA ASN B 175 0.23 -5.27 -5.38
C ASN B 175 -0.45 -5.70 -6.68
N HIS B 176 0.24 -5.50 -7.80
CA HIS B 176 -0.30 -5.89 -9.10
C HIS B 176 -0.53 -7.39 -9.21
N HIS B 177 0.41 -8.22 -8.74
CA HIS B 177 0.25 -9.70 -8.79
C HIS B 177 -1.01 -10.11 -8.02
N LEU B 178 -1.22 -9.49 -6.85
CA LEU B 178 -2.40 -9.78 -6.05
C LEU B 178 -3.69 -9.38 -6.74
N ALA B 179 -3.69 -8.17 -7.31
CA ALA B 179 -4.88 -7.63 -7.98
C ALA B 179 -5.31 -8.54 -9.13
N VAL B 180 -4.35 -8.99 -9.93
CA VAL B 180 -4.65 -9.89 -11.06
C VAL B 180 -5.18 -11.23 -10.56
N GLY B 181 -4.51 -11.81 -9.57
CA GLY B 181 -4.90 -13.12 -9.06
C GLY B 181 -6.28 -13.12 -8.44
N PHE B 182 -6.61 -12.03 -7.72
CA PHE B 182 -7.94 -11.96 -7.09
C PHE B 182 -9.00 -11.57 -8.12
N LYS B 183 -8.59 -10.77 -9.12
CA LYS B 183 -9.51 -10.36 -10.18
C LYS B 183 -10.04 -11.57 -10.96
N LEU B 184 -9.17 -12.54 -11.20
CA LEU B 184 -9.52 -13.75 -11.95
C LEU B 184 -10.51 -14.66 -11.22
N LEU B 185 -10.68 -14.46 -9.92
CA LEU B 185 -11.65 -15.22 -9.14
C LEU B 185 -13.08 -14.71 -9.28
N GLN B 186 -13.29 -13.51 -9.84
CA GLN B 186 -14.65 -12.95 -9.87
C GLN B 186 -15.66 -13.62 -10.83
N GLU B 187 -15.22 -14.29 -11.91
CA GLU B 187 -16.16 -15.01 -12.78
C GLU B 187 -16.52 -16.34 -12.12
N GLU B 188 -17.82 -16.60 -11.95
CA GLU B 188 -18.30 -17.82 -11.25
C GLU B 188 -17.62 -19.11 -11.72
N HIS B 189 -17.34 -19.19 -13.03
CA HIS B 189 -16.72 -20.38 -13.59
C HIS B 189 -15.20 -20.49 -13.30
N ASP B 191 -14.36 -19.06 -9.85
CA ASP B 191 -14.26 -18.77 -8.42
C ASP B 191 -14.01 -20.04 -7.59
N ILE B 192 -12.75 -20.41 -7.45
CA ILE B 192 -12.37 -21.59 -6.70
C ILE B 192 -12.73 -21.53 -5.20
N PHE B 193 -12.97 -20.32 -4.70
CA PHE B 193 -13.30 -20.14 -3.28
C PHE B 193 -14.79 -19.95 -3.02
N MET B 194 -15.63 -20.26 -4.01
CA MET B 194 -17.09 -20.12 -3.91
C MET B 194 -17.73 -20.79 -2.69
N ASN B 195 -17.20 -21.94 -2.28
CA ASN B 195 -17.73 -22.73 -1.17
C ASN B 195 -17.03 -22.59 0.17
N LEU B 196 -16.14 -21.61 0.28
CA LEU B 196 -15.59 -21.23 1.57
C LEU B 196 -16.70 -20.36 2.23
N THR B 197 -16.67 -20.18 3.54
CA THR B 197 -17.62 -19.28 4.18
C THR B 197 -17.14 -17.85 3.91
N LYS B 198 -17.99 -16.86 4.16
CA LYS B 198 -17.57 -15.47 3.96
C LYS B 198 -16.38 -15.18 4.86
N LYS B 199 -16.39 -15.72 6.07
CA LYS B 199 -15.30 -15.52 7.01
C LYS B 199 -13.98 -16.14 6.52
N GLN B 200 -14.08 -17.35 5.98
CA GLN B 200 -12.91 -18.04 5.49
C GLN B 200 -12.29 -17.25 4.33
N ARG B 201 -13.11 -16.75 3.41
CA ARG B 201 -12.64 -15.97 2.26
C ARG B 201 -11.94 -14.72 2.74
N GLN B 202 -12.51 -14.10 3.77
CA GLN B 202 -11.95 -12.90 4.35
C GLN B 202 -10.58 -13.19 4.95
N THR B 203 -10.48 -14.26 5.74
CA THR B 203 -9.21 -14.65 6.38
C THR B 203 -8.15 -15.07 5.33
N LEU B 204 -8.54 -15.87 4.35
CA LEU B 204 -7.64 -16.29 3.30
C LEU B 204 -7.08 -15.08 2.54
N ARG B 205 -7.96 -14.14 2.19
CA ARG B 205 -7.58 -12.96 1.44
C ARG B 205 -6.57 -12.14 2.23
N LYS B 206 -6.81 -11.96 3.53
CA LYS B 206 -5.85 -11.23 4.37
C LYS B 206 -4.46 -11.91 4.34
N MET B 207 -4.45 -13.23 4.46
CA MET B 207 -3.20 -14.00 4.50
C MET B 207 -2.46 -13.99 3.18
N VAL B 208 -3.18 -14.13 2.07
CA VAL B 208 -2.57 -14.16 0.75
C VAL B 208 -1.97 -12.80 0.45
N ILE B 209 -2.68 -11.72 0.77
CA ILE B 209 -2.15 -10.37 0.57
C ILE B 209 -0.85 -10.20 1.38
N ASP B 210 -0.89 -10.63 2.63
CA ASP B 210 0.27 -10.54 3.52
C ASP B 210 1.48 -11.25 2.90
N MET B 211 1.30 -12.51 2.49
CA MET B 211 2.38 -13.32 1.94
C MET B 211 2.97 -12.79 0.63
N VAL B 212 2.11 -12.35 -0.29
CA VAL B 212 2.57 -11.85 -1.56
C VAL B 212 3.32 -10.53 -1.37
N LEU B 213 2.80 -9.62 -0.54
CA LEU B 213 3.51 -8.36 -0.26
C LEU B 213 4.91 -8.62 0.34
N ALA B 214 5.02 -9.71 1.10
CA ALA B 214 6.30 -10.10 1.73
C ALA B 214 7.33 -10.65 0.74
N THR B 215 6.96 -10.87 -0.52
CA THR B 215 7.91 -11.34 -1.51
C THR B 215 8.69 -10.18 -2.12
N ASP B 216 8.32 -8.95 -1.78
CA ASP B 216 9.00 -7.72 -2.21
C ASP B 216 10.37 -7.71 -1.53
N MET B 217 11.44 -7.82 -2.33
CA MET B 217 12.79 -7.88 -1.76
C MET B 217 13.18 -6.66 -0.93
N SER B 218 12.51 -5.53 -1.13
CA SER B 218 12.80 -4.32 -0.33
C SER B 218 12.43 -4.53 1.15
N LYS B 219 11.58 -5.53 1.41
CA LYS B 219 11.15 -5.93 2.76
C LYS B 219 11.98 -7.10 3.36
N HIS B 220 12.99 -7.58 2.64
CA HIS B 220 13.76 -8.75 3.05
C HIS B 220 14.46 -8.61 4.39
N MET B 221 15.24 -7.56 4.56
CA MET B 221 15.98 -7.35 5.82
C MET B 221 15.08 -7.28 7.04
N SER B 222 13.88 -6.70 6.88
CA SER B 222 12.92 -6.57 7.97
C SER B 222 12.24 -7.91 8.27
N LEU B 223 12.04 -8.74 7.24
CA LEU B 223 11.45 -10.06 7.42
C LEU B 223 12.47 -10.94 8.15
N LEU B 224 13.75 -10.78 7.79
CA LEU B 224 14.83 -11.57 8.36
C LEU B 224 15.02 -11.23 9.83
N ALA B 225 15.12 -9.93 10.12
CA ALA B 225 15.28 -9.45 11.50
C ALA B 225 14.16 -9.99 12.36
N ASP B 226 12.93 -9.94 11.86
CA ASP B 226 11.77 -10.41 12.62
C ASP B 226 11.69 -11.94 12.75
N LEU B 227 12.18 -12.66 11.73
CA LEU B 227 12.21 -14.13 11.81
C LEU B 227 13.26 -14.56 12.85
N LYS B 228 14.35 -13.81 12.93
CA LYS B 228 15.41 -14.10 13.91
C LYS B 228 14.84 -13.97 15.33
N THR B 229 13.98 -12.97 15.54
CA THR B 229 13.33 -12.75 16.84
C THR B 229 12.44 -13.92 17.22
N MET B 230 11.79 -14.49 16.21
CA MET B 230 10.91 -15.64 16.37
C MET B 230 11.68 -16.88 16.77
N VAL B 231 12.87 -17.04 16.18
CA VAL B 231 13.74 -18.17 16.48
C VAL B 231 14.22 -18.06 17.94
N GLU B 232 14.45 -16.83 18.38
CA GLU B 232 14.96 -16.55 19.73
C GLU B 232 13.98 -16.96 20.84
N THR B 233 12.69 -16.72 20.61
CA THR B 233 11.67 -17.05 21.61
C THR B 233 10.86 -18.30 21.22
N LYS B 234 11.41 -19.09 20.30
CA LYS B 234 10.71 -20.28 19.82
C LYS B 234 10.48 -21.28 20.94
N LYS B 235 9.31 -21.89 20.93
CA LYS B 235 8.93 -22.92 21.88
C LYS B 235 8.61 -24.16 21.09
N VAL B 236 9.28 -25.27 21.41
CA VAL B 236 8.97 -26.55 20.75
C VAL B 236 8.44 -27.50 21.83
N THR B 237 7.27 -28.07 21.60
CA THR B 237 6.60 -28.95 22.58
C THR B 237 7.26 -30.32 22.71
N SER B 238 6.75 -31.13 23.62
CA SER B 238 7.29 -32.47 23.87
C SER B 238 7.30 -33.37 22.63
N SER B 239 6.37 -33.13 21.71
CA SER B 239 6.28 -33.92 20.47
C SER B 239 7.26 -33.47 19.36
N GLY B 240 8.04 -32.42 19.59
CA GLY B 240 9.02 -31.92 18.63
C GLY B 240 8.46 -30.95 17.61
N VAL B 241 7.27 -30.41 17.91
CA VAL B 241 6.54 -29.50 17.04
C VAL B 241 6.61 -28.07 17.57
N LEU B 242 6.67 -27.10 16.66
CA LEU B 242 6.72 -25.69 17.02
C LEU B 242 5.37 -25.24 17.57
N LEU B 243 5.41 -24.43 18.62
CA LEU B 243 4.20 -23.90 19.23
C LEU B 243 4.00 -22.47 18.76
N LEU B 244 2.91 -22.23 18.04
CA LEU B 244 2.57 -20.88 17.60
C LEU B 244 1.37 -20.39 18.43
N ASP B 245 1.55 -19.28 19.16
CA ASP B 245 0.50 -18.71 20.05
C ASP B 245 -0.83 -18.59 19.30
N ASN B 246 -0.87 -17.67 18.33
CA ASN B 246 -2.05 -17.48 17.50
C ASN B 246 -1.63 -16.91 16.15
N TYR B 247 -2.57 -16.26 15.49
CA TYR B 247 -2.39 -15.77 14.14
C TYR B 247 -1.08 -15.03 13.83
N THR B 248 -0.73 -14.01 14.60
CA THR B 248 0.48 -13.22 14.31
C THR B 248 1.72 -14.09 14.07
N ASP B 249 1.90 -15.09 14.92
CA ASP B 249 3.06 -15.97 14.82
C ASP B 249 2.93 -16.90 13.62
N ARG B 250 1.73 -17.41 13.40
CA ARG B 250 1.48 -18.30 12.26
C ARG B 250 1.74 -17.62 10.92
N ILE B 251 1.16 -16.44 10.71
CA ILE B 251 1.33 -15.71 9.45
C ILE B 251 2.78 -15.25 9.29
N GLN B 252 3.50 -15.07 10.40
CA GLN B 252 4.90 -14.65 10.32
C GLN B 252 5.72 -15.79 9.74
N VAL B 253 5.42 -17.01 10.16
CA VAL B 253 6.12 -18.17 9.65
C VAL B 253 5.71 -18.39 8.19
N LEU B 254 4.43 -18.23 7.88
CA LEU B 254 3.98 -18.42 6.49
C LEU B 254 4.56 -17.40 5.50
N ARG B 255 4.67 -16.12 5.92
CA ARG B 255 5.26 -15.06 5.11
C ARG B 255 6.70 -15.42 4.76
N ASN B 256 7.43 -15.84 5.79
CA ASN B 256 8.81 -16.21 5.62
C ASN B 256 8.99 -17.47 4.82
N MET B 257 8.03 -18.38 4.93
CA MET B 257 8.07 -19.64 4.19
C MET B 257 7.96 -19.38 2.70
N VAL B 258 7.02 -18.54 2.31
CA VAL B 258 6.85 -18.22 0.90
C VAL B 258 8.07 -17.44 0.41
N HIS B 259 8.60 -16.56 1.25
CA HIS B 259 9.80 -15.79 0.91
C HIS B 259 10.98 -16.74 0.67
N CYS B 260 11.17 -17.70 1.57
CA CYS B 260 12.21 -18.74 1.42
C CYS B 260 12.03 -19.52 0.10
N ALA B 261 10.79 -19.94 -0.18
CA ALA B 261 10.47 -20.65 -1.43
C ALA B 261 10.88 -19.82 -2.65
N ASP B 262 10.55 -18.52 -2.60
CA ASP B 262 10.91 -17.59 -3.68
C ASP B 262 12.43 -17.49 -3.83
N LEU B 263 13.17 -17.56 -2.73
CA LEU B 263 14.63 -17.51 -2.72
C LEU B 263 15.23 -18.93 -2.54
N SER B 264 14.59 -19.93 -3.14
CA SER B 264 15.01 -21.32 -2.98
C SER B 264 15.92 -21.86 -4.09
N ASN B 265 16.08 -21.13 -5.19
CA ASN B 265 16.84 -21.62 -6.34
C ASN B 265 18.22 -22.17 -5.95
N PRO B 266 19.01 -21.40 -5.18
CA PRO B 266 20.36 -21.84 -4.81
C PRO B 266 20.40 -23.04 -3.83
N THR B 267 19.26 -23.46 -3.26
CA THR B 267 19.22 -24.61 -2.38
C THR B 267 18.81 -25.91 -3.08
N LYS B 268 18.53 -25.83 -4.37
CA LYS B 268 18.16 -26.99 -5.14
C LYS B 268 19.45 -27.61 -5.68
N SER B 269 19.35 -28.77 -6.33
CA SER B 269 20.52 -29.42 -6.92
C SER B 269 21.21 -28.43 -7.86
N LEU B 270 22.54 -28.54 -7.99
CA LEU B 270 23.28 -27.63 -8.85
C LEU B 270 22.70 -27.59 -10.27
N GLU B 271 22.33 -28.74 -10.84
CA GLU B 271 21.74 -28.81 -12.18
C GLU B 271 20.49 -27.87 -12.33
N LEU B 272 19.66 -27.79 -11.30
CA LEU B 272 18.47 -26.93 -11.36
C LEU B 272 18.87 -25.47 -11.13
N TYR B 273 19.71 -25.24 -10.13
CA TYR B 273 20.14 -23.92 -9.79
C TYR B 273 20.80 -23.23 -10.98
N ARG B 274 21.66 -23.93 -11.71
CA ARG B 274 22.30 -23.32 -12.86
C ARG B 274 21.32 -22.84 -13.91
N GLN B 275 20.25 -23.60 -14.15
CA GLN B 275 19.20 -23.19 -15.09
C GLN B 275 18.45 -21.95 -14.59
N TRP B 276 18.09 -21.92 -13.30
CA TRP B 276 17.49 -20.72 -12.71
C TRP B 276 18.38 -19.48 -12.88
N THR B 277 19.69 -19.64 -12.67
CA THR B 277 20.63 -18.51 -12.82
C THR B 277 20.65 -17.97 -14.26
N ASP B 278 20.66 -18.88 -15.22
CA ASP B 278 20.70 -18.48 -16.62
C ASP B 278 19.45 -17.64 -16.94
N ARG B 279 18.33 -18.07 -16.39
CA ARG B 279 17.06 -17.40 -16.57
C ARG B 279 17.00 -16.02 -15.94
N ILE B 280 17.34 -15.89 -14.66
CA ILE B 280 17.33 -14.57 -14.03
C ILE B 280 18.32 -13.60 -14.70
N MET B 281 19.48 -14.10 -15.14
CA MET B 281 20.47 -13.24 -15.80
C MET B 281 19.99 -12.80 -17.18
N GLU B 282 19.29 -13.68 -17.89
CA GLU B 282 18.74 -13.33 -19.19
C GLU B 282 17.76 -12.17 -18.98
N GLU B 283 16.93 -12.30 -17.96
CA GLU B 283 15.93 -11.28 -17.64
C GLU B 283 16.55 -9.99 -17.21
N PHE B 284 17.52 -10.04 -16.31
CA PHE B 284 18.21 -8.87 -15.81
C PHE B 284 18.92 -8.16 -16.98
N PHE B 285 19.58 -8.93 -17.83
CA PHE B 285 20.35 -8.34 -18.94
C PHE B 285 19.42 -7.62 -19.92
N GLN B 286 18.23 -8.19 -20.15
CA GLN B 286 17.20 -7.56 -20.98
C GLN B 286 16.77 -6.21 -20.39
N GLN B 287 16.60 -6.16 -19.07
CA GLN B 287 16.28 -4.90 -18.42
C GLN B 287 17.40 -3.88 -18.67
N GLY B 288 18.65 -4.30 -18.49
CA GLY B 288 19.80 -3.43 -18.75
C GLY B 288 19.79 -2.85 -20.15
N ASP B 289 19.41 -3.66 -21.13
CA ASP B 289 19.36 -3.19 -22.53
C ASP B 289 18.26 -2.11 -22.68
N LYS B 290 17.15 -2.31 -21.98
CA LYS B 290 16.04 -1.36 -22.01
C LYS B 290 16.49 -0.05 -21.37
N GLU B 291 17.21 -0.15 -20.26
CA GLU B 291 17.76 1.02 -19.60
C GLU B 291 18.69 1.75 -20.59
N ARG B 292 19.52 0.99 -21.32
CA ARG B 292 20.43 1.58 -22.31
C ARG B 292 19.64 2.29 -23.41
N GLU B 293 18.65 1.61 -23.99
CA GLU B 293 17.83 2.21 -25.05
C GLU B 293 17.24 3.56 -24.61
N ARG B 294 16.77 3.62 -23.36
CA ARG B 294 16.11 4.79 -22.79
C ARG B 294 17.06 5.87 -22.24
N GLY B 295 18.37 5.65 -22.34
CA GLY B 295 19.35 6.60 -21.84
C GLY B 295 19.43 6.72 -20.32
N MET B 296 18.91 5.72 -19.60
CA MET B 296 18.94 5.70 -18.14
C MET B 296 20.28 5.16 -17.64
N GLU B 297 20.49 5.26 -16.32
CA GLU B 297 21.67 4.68 -15.69
C GLU B 297 21.43 3.16 -15.65
N ILE B 298 22.42 2.39 -16.09
CA ILE B 298 22.32 0.94 -16.08
C ILE B 298 22.57 0.39 -14.69
N SER B 299 21.65 -0.44 -14.23
CA SER B 299 21.78 -1.10 -12.96
C SER B 299 22.96 -2.09 -13.14
N PRO B 300 24.01 -1.99 -12.32
CA PRO B 300 25.24 -2.78 -12.51
C PRO B 300 25.08 -4.28 -12.79
N MET B 301 24.16 -4.94 -12.07
CA MET B 301 23.94 -6.37 -12.25
C MET B 301 22.97 -6.75 -13.39
N ASP B 303 23.85 -5.17 -16.35
CA ASP B 303 24.75 -4.79 -17.47
C ASP B 303 25.44 -6.04 -18.06
N LYS B 304 24.94 -6.52 -19.19
CA LYS B 304 25.48 -7.72 -19.82
C LYS B 304 26.96 -7.57 -20.22
N HIS B 305 27.39 -6.34 -20.51
CA HIS B 305 28.78 -6.10 -20.92
C HIS B 305 29.79 -6.09 -19.77
N THR B 306 29.32 -6.05 -18.53
CA THR B 306 30.18 -5.92 -17.35
C THR B 306 30.01 -6.93 -16.22
N ALA B 307 28.77 -7.25 -15.89
CA ALA B 307 28.46 -8.09 -14.74
C ALA B 307 28.89 -9.55 -14.86
N SER B 308 29.53 -10.04 -13.79
CA SER B 308 29.91 -11.43 -13.66
C SER B 308 28.72 -12.19 -13.05
N VAL B 309 28.22 -13.17 -13.78
CA VAL B 309 27.12 -14.01 -13.35
C VAL B 309 27.51 -14.76 -12.08
N GLU B 310 28.77 -15.21 -12.06
CA GLU B 310 29.29 -16.03 -10.97
C GLU B 310 29.48 -15.23 -9.69
N LYS B 311 30.11 -14.05 -9.79
CA LYS B 311 30.26 -13.19 -8.61
C LYS B 311 28.89 -12.79 -8.08
N SER B 312 27.93 -12.56 -8.97
CA SER B 312 26.57 -12.17 -8.55
C SER B 312 25.86 -13.24 -7.74
N GLN B 313 26.03 -14.49 -8.11
CA GLN B 313 25.42 -15.59 -7.37
C GLN B 313 26.13 -15.78 -6.04
N VAL B 314 27.46 -15.65 -6.02
CA VAL B 314 28.18 -15.78 -4.75
C VAL B 314 27.71 -14.70 -3.78
N GLY B 315 27.58 -13.46 -4.27
CA GLY B 315 27.11 -12.34 -3.47
C GLY B 315 25.67 -12.54 -2.98
N PHE B 316 24.80 -13.03 -3.86
CA PHE B 316 23.40 -13.33 -3.57
C PHE B 316 23.29 -14.37 -2.43
N ILE B 317 24.06 -15.44 -2.49
CA ILE B 317 24.04 -16.44 -1.45
C ILE B 317 24.58 -15.87 -0.12
N ASP B 318 25.76 -15.24 -0.18
CA ASP B 318 26.41 -14.75 1.04
C ASP B 318 25.61 -13.73 1.81
N TYR B 319 25.04 -12.76 1.10
CA TYR B 319 24.39 -11.64 1.76
C TYR B 319 22.89 -11.71 1.90
N ILE B 320 22.23 -12.58 1.13
CA ILE B 320 20.76 -12.70 1.18
C ILE B 320 20.22 -14.11 1.45
N VAL B 321 20.52 -15.06 0.56
CA VAL B 321 19.97 -16.41 0.64
C VAL B 321 20.44 -17.25 1.85
N HIS B 322 21.74 -17.28 2.11
CA HIS B 322 22.26 -18.06 3.23
C HIS B 322 21.80 -17.52 4.59
N PRO B 323 21.90 -16.21 4.84
CA PRO B 323 21.41 -15.68 6.12
C PRO B 323 19.93 -16.02 6.35
N LEU B 324 19.12 -16.00 5.30
CA LEU B 324 17.70 -16.32 5.43
C LEU B 324 17.49 -17.80 5.71
N TRP B 325 18.13 -18.65 4.91
CA TRP B 325 17.97 -20.11 5.09
C TRP B 325 18.60 -20.61 6.38
N GLU B 326 19.71 -20.01 6.79
CA GLU B 326 20.36 -20.37 8.06
C GLU B 326 19.38 -20.12 9.20
N THR B 327 18.63 -19.04 9.11
CA THR B 327 17.64 -18.66 10.11
C THR B 327 16.40 -19.57 10.06
N TRP B 328 15.97 -19.92 8.85
CA TRP B 328 14.85 -20.82 8.70
C TRP B 328 15.24 -22.18 9.28
N ALA B 329 16.46 -22.60 8.98
CA ALA B 329 17.00 -23.88 9.44
C ALA B 329 17.05 -23.91 10.96
N ASP B 330 17.34 -22.77 11.58
CA ASP B 330 17.37 -22.67 13.03
C ASP B 330 15.96 -22.84 13.60
N LEU B 331 14.99 -22.23 12.94
CA LEU B 331 13.60 -22.31 13.36
C LEU B 331 13.06 -23.75 13.32
N VAL B 332 13.42 -24.50 12.29
CA VAL B 332 12.90 -25.84 12.09
C VAL B 332 13.92 -26.98 12.28
N GLN B 333 15.04 -26.71 12.95
CA GLN B 333 16.08 -27.74 13.06
C GLN B 333 15.56 -29.08 13.59
N PRO B 334 16.08 -30.19 13.08
CA PRO B 334 17.15 -30.24 12.06
C PRO B 334 16.66 -30.45 10.61
N ASP B 335 15.37 -30.19 10.36
CA ASP B 335 14.74 -30.44 9.05
C ASP B 335 15.43 -29.87 7.81
N ALA B 336 16.02 -28.70 7.93
CA ALA B 336 16.61 -28.02 6.78
C ALA B 336 18.12 -28.15 6.63
N GLN B 337 18.75 -29.05 7.39
CA GLN B 337 20.21 -29.19 7.31
C GLN B 337 20.70 -29.57 5.92
N ASP B 338 20.00 -30.51 5.26
CA ASP B 338 20.39 -30.94 3.92
C ASP B 338 20.34 -29.76 2.93
N ILE B 339 19.35 -28.88 3.10
CA ILE B 339 19.20 -27.69 2.25
C ILE B 339 20.39 -26.76 2.43
N LEU B 340 20.79 -26.58 3.68
CA LEU B 340 21.92 -25.73 4.02
C LEU B 340 23.21 -26.33 3.44
N ASP B 341 23.33 -27.65 3.45
CA ASP B 341 24.50 -28.33 2.90
C ASP B 341 24.62 -28.13 1.38
N THR B 342 23.49 -28.22 0.68
CA THR B 342 23.48 -28.03 -0.77
C THR B 342 23.82 -26.59 -1.12
N LEU B 343 23.19 -25.66 -0.39
CA LEU B 343 23.43 -24.23 -0.57
C LEU B 343 24.92 -23.92 -0.49
N GLU B 344 25.61 -24.54 0.47
CA GLU B 344 27.04 -24.31 0.68
C GLU B 344 27.89 -24.92 -0.44
N ASP B 345 27.52 -26.11 -0.91
CA ASP B 345 28.19 -26.75 -2.03
C ASP B 345 27.97 -25.93 -3.33
N ASN B 346 26.77 -25.40 -3.53
CA ASN B 346 26.48 -24.61 -4.72
C ASN B 346 27.24 -23.28 -4.71
N ARG B 347 27.36 -22.67 -3.54
CA ARG B 347 28.10 -21.42 -3.39
C ARG B 347 29.57 -21.65 -3.71
N ASN B 348 30.11 -22.78 -3.26
CA ASN B 348 31.48 -23.17 -3.53
C ASN B 348 31.70 -23.45 -5.02
N TRP B 349 30.69 -23.98 -5.71
CA TRP B 349 30.82 -24.24 -7.15
C TRP B 349 30.95 -22.91 -7.92
N TYR B 350 30.07 -21.96 -7.64
CA TYR B 350 30.09 -20.66 -8.32
C TYR B 350 31.37 -19.90 -8.04
N GLN B 351 31.85 -19.96 -6.81
CA GLN B 351 33.09 -19.31 -6.42
C GLN B 351 34.26 -19.92 -7.19
N SER B 352 34.19 -21.23 -7.46
CA SER B 352 35.25 -21.93 -8.22
C SER B 352 35.24 -21.56 -9.72
N MET B 353 34.13 -20.98 -10.18
CA MET B 353 33.98 -20.57 -11.57
C MET B 353 34.45 -19.13 -11.85
N ILE B 354 34.87 -18.43 -10.80
CA ILE B 354 35.44 -17.09 -10.92
C ILE B 354 36.97 -17.27 -11.06
N PRO B 355 37.55 -16.88 -12.20
CA PRO B 355 38.99 -17.04 -12.43
C PRO B 355 39.92 -16.32 -11.43
N GLY B 371 25.85 -4.28 8.59
CA GLY B 371 25.39 -3.52 7.43
C GLY B 371 25.77 -4.13 6.10
N LEU B 372 26.26 -5.36 6.12
CA LEU B 372 26.68 -6.06 4.90
C LEU B 372 25.50 -6.62 4.10
N MET B 373 24.54 -7.22 4.81
CA MET B 373 23.34 -7.79 4.20
C MET B 373 22.43 -6.70 3.67
N GLU B 374 22.35 -5.59 4.41
CA GLU B 374 21.53 -4.44 4.03
C GLU B 374 22.12 -3.72 2.80
N LYS B 375 23.44 -3.73 2.70
CA LYS B 375 24.17 -3.13 1.58
C LYS B 375 23.89 -3.87 0.27
N PHE B 376 23.91 -5.19 0.30
CA PHE B 376 23.66 -6.00 -0.90
C PHE B 376 22.20 -5.98 -1.29
N GLN B 377 21.30 -5.94 -0.31
CA GLN B 377 19.86 -5.88 -0.57
C GLN B 377 19.55 -4.59 -1.36
N PHE B 378 20.23 -3.50 -0.99
CA PHE B 378 20.02 -2.20 -1.65
C PHE B 378 20.53 -2.20 -3.09
N GLU B 379 21.61 -2.93 -3.37
CA GLU B 379 22.15 -3.01 -4.73
C GLU B 379 21.23 -3.83 -5.64
N LEU B 380 20.63 -4.89 -5.10
CA LEU B 380 19.73 -5.75 -5.87
C LEU B 380 18.41 -5.05 -6.20
N THR B 381 17.84 -4.33 -5.23
CA THR B 381 16.59 -3.60 -5.44
C THR B 381 16.85 -2.23 -6.04
#